data_4IN6
#
_entry.id   4IN6
#
_cell.length_a   139.028
_cell.length_b   139.028
_cell.length_c   184.345
_cell.angle_alpha   90.00
_cell.angle_beta   90.00
_cell.angle_gamma   120.00
#
_symmetry.space_group_name_H-M   'P 31 2 1'
#
loop_
_entity.id
_entity.type
_entity.pdbx_description
1 polymer 'Reaction center protein L chain'
2 polymer 'Reaction center protein M chain'
3 polymer 'Reaction center protein H chain'
4 non-polymer 'BACTERIOPHEOPHYTIN A'
5 non-polymer UBIQUINONE-10
6 non-polymer 'BACTERIOCHLOROPHYLL A'
7 non-polymer 'PHOSPHATE ION'
8 non-polymer HEPTANE-1,2,3-TRIOL
9 non-polymer GLYCEROL
10 non-polymer 'LAURYL DIMETHYLAMINE-N-OXIDE'
11 non-polymer 'FE (III) ION'
12 non-polymer SPHEROIDENE
13 non-polymer CARDIOLIPIN
14 non-polymer 1,2-DIACYL-SN-GLYCERO-3-PHOSPHOCHOLINE
15 non-polymer 'NONADEC-10-ENOIC ACID 2-[3,4-DIHYDROXY-6-HYDROXYMETHYL-5-(3,4,5-TRIHYDROXY-6-HYDROXYMETHYL-TETRAHYDRO-PYRAN-2-YLOXY)-TETRAHYDRO-PYRAN-2-YLOXY] -1-OCTADEC-9-ENOYLOXYMETHYL-ETHYL ESTER'
16 water water
#
loop_
_entity_poly.entity_id
_entity_poly.type
_entity_poly.pdbx_seq_one_letter_code
_entity_poly.pdbx_strand_id
1 'polypeptide(L)'
;ALLSFERKYRVPGGTLVGGNLFDFWVGPFYVGFFGVATFFFAALGIILIAWSAVLQGTWNPQLISVYPPALEYGLGGAPL
AKGGLWQIITICATGAFVSWALREVEICRKLGIGYHIPFAFAFAILAYLTLVLFRPVMMGAWGYAFPYGIWTHLDWVSNT
GYTYGNFHYNPAHMIAISFFFTNALALALHGALVLSAANPEKGKEMRTPDHEDTFFRDLVGYSIGTLGIHRLGLLLSLSA
VFFSALCMIITGTIWFDQWVDWWQWWVKLPWWANIPGGING
;
L
2 'polypeptide(L)'
;AEYQNIFSQVQVRGPADLGMTEDVNLANRSGVGPFSTLLGWFGNAQLGPIYLGSLGVLSLFSGLMWFFTIGIWFWYQAGW
NPAVFLRDLFFFSLEPPAPEYGLSFAAPLKEGGLWLIASFFMFVAVWSWWGRTYLRAQALGMGKHTAWAFLSAIWLWMVL
GFIRPILMGSWSEAVPYGIFSHLDWTNNFSLVHGNLFYNPFHGLSIAFLYGSAALFAMHGATILAVSRFGGERELEQIAD
RGTAAERAALFWRWTMGFNATMEGIHRWAIWMAVLVTLTGGIGILLSGTVVDNWYVWGQNHG
;
M
3 'polypeptide(L)'
;HHHHHHMVGVTAFGNFDLASLAIYSFWIFLAGLIYYLQTENMREGYPLENEDGTPAANQGPFPLPKPKTFILPHGRGTLT
VPGPESEDRPIALARTAVSEGFPHAPTGDPMKDGVGPASWVARRDLPELDGHGHNKIKPMKAAAGFHVSAGKNPIGLPVR
GCDLEIAGKVVDIWVDIPEQMARFLEVELKDGSTRLLPMQMVKVQSNRVHVNALSSDLFAGIPTIKSPTEVTLLEEDKIC
GYVAGGLMYAAPKRKSVVAAMLAEYA
;
H
#
loop_
_chem_comp.id
_chem_comp.type
_chem_comp.name
_chem_comp.formula
BCL non-polymer 'BACTERIOCHLOROPHYLL A' 'C55 H74 Mg N4 O6'
BPH non-polymer 'BACTERIOPHEOPHYTIN A' 'C55 H76 N4 O6'
CDL non-polymer CARDIOLIPIN 'C81 H156 O17 P2 -2'
FE non-polymer 'FE (III) ION' 'Fe 3'
GGD non-polymer 'NONADEC-10-ENOIC ACID 2-[3,4-DIHYDROXY-6-HYDROXYMETHYL-5-(3,4,5-TRIHYDROXY-6-HYDROXYMETHYL-TETRAHYDRO-PYRAN-2-YLOXY)-TETRAHYDRO-PYRAN-2-YLOXY] -1-OCTADEC-9-ENOYLOXYMETHYL-ETHYL ESTER' 'C52 H94 O15'
GOL non-polymer GLYCEROL 'C3 H8 O3'
HTO non-polymer HEPTANE-1,2,3-TRIOL 'C7 H16 O3'
LDA non-polymer 'LAURYL DIMETHYLAMINE-N-OXIDE' 'C14 H31 N O'
PC1 non-polymer 1,2-DIACYL-SN-GLYCERO-3-PHOSPHOCHOLINE 'C44 H88 N O8 P'
PO4 non-polymer 'PHOSPHATE ION' 'O4 P -3'
SPO non-polymer SPHEROIDENE 'C41 H60 O'
U10 non-polymer UBIQUINONE-10 'C59 H90 O4'
#
# COMPACT_ATOMS: atom_id res chain seq x y z
N ALA A 1 9.14 16.93 -22.65
CA ALA A 1 7.88 16.37 -23.19
C ALA A 1 6.94 16.28 -22.05
N LEU A 2 5.66 16.25 -22.34
CA LEU A 2 4.62 16.37 -21.35
C LEU A 2 3.66 15.26 -21.62
N LEU A 3 3.06 14.70 -20.59
CA LEU A 3 1.90 13.88 -20.89
C LEU A 3 0.83 14.74 -21.55
N SER A 4 -0.05 14.08 -22.30
CA SER A 4 -1.13 14.79 -23.06
C SER A 4 -1.98 15.76 -22.23
N PHE A 5 -2.15 15.45 -20.93
CA PHE A 5 -2.99 16.22 -20.02
C PHE A 5 -2.24 17.14 -19.10
N GLU A 6 -0.93 17.23 -19.24
CA GLU A 6 -0.10 17.87 -18.19
C GLU A 6 -0.02 19.41 -18.13
N ARG A 7 -0.15 20.06 -19.27
CA ARG A 7 0.16 21.48 -19.33
C ARG A 7 -0.66 22.34 -18.38
N LYS A 8 -1.94 22.07 -18.36
CA LYS A 8 -2.82 22.85 -17.55
C LYS A 8 -2.41 22.83 -16.06
N TYR A 9 -1.64 21.84 -15.64
CA TYR A 9 -1.24 21.75 -14.23
C TYR A 9 0.07 22.50 -13.98
N ARG A 10 0.80 22.85 -15.06
CA ARG A 10 2.11 23.47 -14.96
C ARG A 10 2.11 24.95 -14.81
N VAL A 11 1.53 25.39 -13.70
CA VAL A 11 1.33 26.81 -13.44
C VAL A 11 2.37 27.24 -12.42
N PRO A 12 2.57 28.55 -12.25
CA PRO A 12 3.39 29.06 -11.15
C PRO A 12 2.79 28.76 -9.79
N GLY A 13 3.64 28.77 -8.78
CA GLY A 13 3.18 28.68 -7.40
C GLY A 13 3.36 27.38 -6.66
N GLY A 14 3.43 27.47 -5.34
CA GLY A 14 3.44 26.32 -4.47
C GLY A 14 4.74 26.15 -3.76
N THR A 15 5.73 26.97 -4.08
CA THR A 15 7.06 26.77 -3.54
C THR A 15 7.13 27.18 -2.07
N LEU A 16 8.03 26.61 -1.28
CA LEU A 16 8.18 27.00 0.15
C LEU A 16 9.32 27.96 0.34
N VAL A 17 10.27 27.97 -0.59
CA VAL A 17 11.46 28.74 -0.42
C VAL A 17 11.87 29.23 -1.80
N GLY A 18 12.10 30.56 -1.87
CA GLY A 18 12.64 31.22 -3.03
C GLY A 18 11.67 31.63 -4.11
N GLY A 19 10.38 31.71 -3.77
CA GLY A 19 9.35 32.12 -4.74
C GLY A 19 9.45 31.45 -6.12
N ASN A 20 9.65 32.24 -7.17
CA ASN A 20 9.66 31.72 -8.54
C ASN A 20 11.00 31.30 -9.04
N LEU A 21 12.06 31.50 -8.23
CA LEU A 21 13.47 31.33 -8.62
C LEU A 21 13.80 29.99 -9.17
N PHE A 22 13.27 28.97 -8.53
CA PHE A 22 13.54 27.61 -8.90
C PHE A 22 12.26 26.91 -9.38
N ASP A 23 11.26 27.72 -9.77
CA ASP A 23 9.96 27.20 -10.08
C ASP A 23 10.00 26.80 -11.53
N PHE A 24 10.50 25.59 -11.79
CA PHE A 24 10.58 25.03 -13.14
C PHE A 24 10.88 23.53 -13.14
N TRP A 25 10.83 22.93 -14.32
CA TRP A 25 11.04 21.48 -14.53
C TRP A 25 12.25 21.20 -15.43
N VAL A 26 12.74 19.97 -15.43
CA VAL A 26 13.78 19.53 -16.33
C VAL A 26 13.26 18.20 -16.85
N GLY A 27 12.73 18.24 -18.08
CA GLY A 27 12.00 17.13 -18.63
C GLY A 27 10.79 16.89 -17.78
N PRO A 28 10.63 15.66 -17.31
CA PRO A 28 9.53 15.43 -16.39
C PRO A 28 9.72 15.99 -14.96
N PHE A 29 10.96 16.11 -14.48
CA PHE A 29 11.17 16.36 -13.08
C PHE A 29 10.91 17.80 -12.61
N TYR A 30 10.09 17.98 -11.60
CA TYR A 30 10.06 19.27 -10.95
C TYR A 30 11.34 19.48 -10.22
N VAL A 31 11.74 20.74 -10.09
CA VAL A 31 12.97 21.06 -9.42
C VAL A 31 12.59 21.70 -8.10
N GLY A 32 12.34 23.00 -8.10
CA GLY A 32 12.24 23.68 -6.85
C GLY A 32 13.52 23.86 -6.04
N PHE A 33 13.42 24.58 -4.93
CA PHE A 33 14.56 24.79 -4.05
C PHE A 33 15.07 23.45 -3.57
N PHE A 34 14.13 22.58 -3.24
CA PHE A 34 14.50 21.33 -2.63
C PHE A 34 15.02 20.31 -3.62
N GLY A 35 14.74 20.50 -4.90
CA GLY A 35 15.42 19.81 -5.98
C GLY A 35 16.89 20.22 -6.13
N VAL A 36 17.16 21.52 -6.04
CA VAL A 36 18.54 21.98 -5.94
C VAL A 36 19.24 21.39 -4.70
N ALA A 37 18.61 21.49 -3.53
CA ALA A 37 19.22 20.96 -2.31
C ALA A 37 19.46 19.44 -2.44
N THR A 38 18.45 18.71 -2.94
CA THR A 38 18.59 17.29 -3.13
C THR A 38 19.78 16.95 -4.01
N PHE A 39 19.97 17.67 -5.10
CA PHE A 39 21.10 17.38 -6.01
C PHE A 39 22.44 17.72 -5.28
N PHE A 40 22.51 18.85 -4.61
CA PHE A 40 23.72 19.18 -3.89
C PHE A 40 24.06 18.05 -2.92
N PHE A 41 23.09 17.60 -2.12
CA PHE A 41 23.39 16.66 -1.03
C PHE A 41 23.79 15.31 -1.65
N ALA A 42 23.07 14.92 -2.68
CA ALA A 42 23.27 13.63 -3.26
C ALA A 42 24.56 13.57 -4.03
N ALA A 43 24.94 14.69 -4.63
CA ALA A 43 26.06 14.68 -5.57
C ALA A 43 27.26 14.59 -4.69
N LEU A 44 27.23 15.38 -3.63
CA LEU A 44 28.31 15.38 -2.64
C LEU A 44 28.45 13.97 -2.02
N GLY A 45 27.34 13.39 -1.61
CA GLY A 45 27.34 12.06 -1.06
C GLY A 45 27.95 11.03 -1.98
N ILE A 46 27.60 11.11 -3.22
CA ILE A 46 28.14 10.18 -4.16
C ILE A 46 29.64 10.40 -4.37
N ILE A 47 30.06 11.66 -4.38
CA ILE A 47 31.46 11.97 -4.60
C ILE A 47 32.29 11.38 -3.46
N LEU A 48 31.84 11.62 -2.26
CA LEU A 48 32.50 11.10 -1.10
C LEU A 48 32.39 9.59 -1.05
N ILE A 49 31.38 8.97 -1.61
CA ILE A 49 31.38 7.54 -1.60
C ILE A 49 32.46 7.02 -2.54
N ALA A 50 32.58 7.67 -3.69
CA ALA A 50 33.62 7.35 -4.67
C ALA A 50 35.01 7.58 -4.09
N TRP A 51 35.18 8.72 -3.41
CA TRP A 51 36.36 8.96 -2.66
C TRP A 51 36.62 7.84 -1.65
N SER A 52 35.59 7.38 -0.95
CA SER A 52 35.81 6.31 -0.01
C SER A 52 36.26 5.03 -0.72
N ALA A 53 35.74 4.79 -1.91
CA ALA A 53 36.10 3.58 -2.62
C ALA A 53 37.52 3.62 -3.16
N VAL A 54 38.05 4.82 -3.39
CA VAL A 54 39.44 4.98 -3.78
C VAL A 54 40.30 4.61 -2.56
N LEU A 55 40.03 5.27 -1.43
CA LEU A 55 40.68 4.95 -0.16
C LEU A 55 40.56 3.48 0.26
N GLN A 56 39.52 2.77 -0.17
CA GLN A 56 39.34 1.37 0.16
C GLN A 56 40.04 0.46 -0.87
N GLY A 57 40.22 0.98 -2.08
CA GLY A 57 40.96 0.30 -3.14
C GLY A 57 40.19 -0.56 -4.06
N THR A 58 38.90 -0.28 -4.23
CA THR A 58 38.08 -1.05 -5.17
C THR A 58 36.97 -0.20 -5.82
N TRP A 59 36.74 -0.43 -7.12
CA TRP A 59 35.57 0.11 -7.87
C TRP A 59 34.43 -0.87 -7.92
N ASN A 60 34.62 -2.10 -7.44
CA ASN A 60 33.54 -3.02 -7.55
C ASN A 60 32.35 -2.60 -6.67
N PRO A 61 31.16 -2.45 -7.28
CA PRO A 61 30.02 -1.93 -6.50
C PRO A 61 29.57 -2.92 -5.44
N GLN A 62 29.86 -4.20 -5.69
CA GLN A 62 29.52 -5.22 -4.70
C GLN A 62 30.53 -5.38 -3.59
N LEU A 63 31.61 -4.60 -3.63
CA LEU A 63 32.66 -4.62 -2.61
C LEU A 63 32.79 -3.30 -1.92
N ILE A 64 32.46 -2.24 -2.61
CA ILE A 64 32.46 -0.89 -1.97
C ILE A 64 31.65 -0.90 -0.67
N SER A 65 32.24 -0.43 0.41
CA SER A 65 31.61 -0.38 1.72
C SER A 65 32.19 0.75 2.50
N VAL A 66 31.35 1.59 3.09
CA VAL A 66 31.76 2.70 3.97
C VAL A 66 31.39 2.42 5.44
N TYR A 67 32.38 2.18 6.30
CA TYR A 67 32.04 1.81 7.69
C TYR A 67 32.03 3.05 8.56
N PRO A 68 31.17 3.04 9.59
CA PRO A 68 31.18 4.14 10.53
C PRO A 68 32.40 4.02 11.40
N PRO A 69 32.67 5.06 12.17
CA PRO A 69 33.81 5.03 13.06
C PRO A 69 33.74 3.87 14.05
N ALA A 70 34.88 3.26 14.36
CA ALA A 70 34.92 2.19 15.38
C ALA A 70 34.43 2.71 16.71
N LEU A 71 34.02 1.77 17.54
CA LEU A 71 33.37 2.08 18.80
C LEU A 71 34.18 2.95 19.73
N GLU A 72 35.50 2.84 19.70
CA GLU A 72 36.37 3.69 20.51
C GLU A 72 36.14 5.22 20.26
N TYR A 73 35.60 5.61 19.12
CA TYR A 73 35.38 7.01 18.88
C TYR A 73 34.11 7.53 19.58
N GLY A 74 33.31 6.67 20.18
CA GLY A 74 32.03 7.13 20.75
C GLY A 74 31.21 7.95 19.76
N LEU A 75 30.64 9.06 20.24
CA LEU A 75 29.94 10.01 19.41
C LEU A 75 30.81 11.15 18.88
N GLY A 76 32.14 11.05 18.93
CA GLY A 76 32.99 12.13 18.43
C GLY A 76 33.26 11.91 16.95
N GLY A 77 33.92 12.86 16.30
CA GLY A 77 34.36 12.73 14.91
C GLY A 77 35.61 11.88 14.74
N ALA A 78 35.86 11.46 13.52
CA ALA A 78 36.89 10.51 13.22
C ALA A 78 37.58 10.87 11.92
N PRO A 79 38.83 10.50 11.82
CA PRO A 79 39.46 10.78 10.54
C PRO A 79 38.67 10.18 9.35
N LEU A 80 38.63 10.95 8.26
CA LEU A 80 37.93 10.61 7.07
C LEU A 80 38.04 9.17 6.70
N ALA A 81 39.26 8.62 6.71
CA ALA A 81 39.37 7.29 6.15
C ALA A 81 39.09 6.19 7.17
N LYS A 82 38.82 6.59 8.42
CA LYS A 82 38.46 5.67 9.49
C LYS A 82 37.13 6.08 10.11
N GLY A 83 36.15 6.36 9.26
CA GLY A 83 34.77 6.65 9.70
C GLY A 83 34.19 8.06 9.47
N GLY A 84 35.06 9.06 9.32
CA GLY A 84 34.66 10.43 9.12
C GLY A 84 33.86 10.64 7.82
N LEU A 85 34.28 9.97 6.76
CA LEU A 85 33.50 9.94 5.54
C LEU A 85 32.09 9.39 5.73
N TRP A 86 31.93 8.35 6.54
CA TRP A 86 30.61 7.74 6.77
C TRP A 86 29.77 8.76 7.47
N GLN A 87 30.39 9.52 8.34
CA GLN A 87 29.63 10.51 9.08
C GLN A 87 29.14 11.61 8.11
N ILE A 88 29.96 11.98 7.13
CA ILE A 88 29.60 13.08 6.23
C ILE A 88 28.57 12.62 5.23
N ILE A 89 28.73 11.40 4.78
CA ILE A 89 27.80 10.83 3.84
C ILE A 89 26.47 10.69 4.53
N THR A 90 26.48 10.40 5.81
CA THR A 90 25.22 10.25 6.53
C THR A 90 24.50 11.59 6.63
N ILE A 91 25.23 12.65 6.89
CA ILE A 91 24.62 13.97 6.84
C ILE A 91 24.10 14.23 5.41
N CYS A 92 24.84 13.80 4.40
CA CYS A 92 24.38 14.01 3.03
C CYS A 92 23.09 13.28 2.74
N ALA A 93 23.00 12.04 3.18
CA ALA A 93 21.84 11.20 2.98
C ALA A 93 20.60 11.77 3.69
N THR A 94 20.80 12.22 4.92
CA THR A 94 19.72 12.79 5.64
C THR A 94 19.27 14.05 4.94
N GLY A 95 20.22 14.86 4.50
CA GLY A 95 19.86 16.07 3.73
C GLY A 95 19.08 15.73 2.48
N ALA A 96 19.53 14.71 1.80
CA ALA A 96 18.94 14.40 0.55
C ALA A 96 17.50 13.86 0.69
N PHE A 97 17.25 13.13 1.78
CA PHE A 97 16.00 12.44 1.95
C PHE A 97 14.97 13.47 2.40
N VAL A 98 15.37 14.32 3.32
CA VAL A 98 14.50 15.30 3.89
C VAL A 98 14.16 16.36 2.83
N SER A 99 15.18 16.72 2.06
CA SER A 99 14.98 17.55 0.90
C SER A 99 14.03 16.86 -0.04
N TRP A 100 14.11 15.55 -0.17
CA TRP A 100 13.26 14.85 -1.16
C TRP A 100 11.81 15.01 -0.70
N ALA A 101 11.60 14.96 0.61
CA ALA A 101 10.30 14.95 1.14
C ALA A 101 9.75 16.35 0.96
N LEU A 102 10.55 17.37 1.28
CA LEU A 102 10.12 18.76 1.20
C LEU A 102 9.79 19.09 -0.28
N ARG A 103 10.57 18.54 -1.20
CA ARG A 103 10.26 18.76 -2.59
C ARG A 103 8.92 18.11 -2.91
N GLU A 104 8.63 16.97 -2.28
CA GLU A 104 7.34 16.34 -2.51
C GLU A 104 6.21 17.28 -2.03
N VAL A 105 6.46 18.01 -0.95
CA VAL A 105 5.50 18.93 -0.43
C VAL A 105 5.23 20.05 -1.43
N GLU A 106 6.29 20.51 -2.10
CA GLU A 106 6.14 21.60 -3.04
C GLU A 106 5.26 21.13 -4.18
N ILE A 107 5.51 19.90 -4.61
CA ILE A 107 4.76 19.31 -5.70
C ILE A 107 3.27 19.18 -5.33
N CYS A 108 3.01 18.72 -4.11
CA CYS A 108 1.66 18.66 -3.58
C CYS A 108 0.93 20.00 -3.63
N ARG A 109 1.61 21.05 -3.23
CA ARG A 109 0.98 22.35 -3.19
C ARG A 109 0.62 22.85 -4.58
N LYS A 110 1.52 22.64 -5.54
CA LYS A 110 1.27 23.03 -6.89
C LYS A 110 0.09 22.26 -7.48
N LEU A 111 -0.01 20.98 -7.16
CA LEU A 111 -1.07 20.14 -7.70
C LEU A 111 -2.35 20.24 -6.92
N GLY A 112 -2.36 20.95 -5.81
CA GLY A 112 -3.58 21.04 -5.03
C GLY A 112 -4.06 19.75 -4.34
N ILE A 113 -3.13 18.82 -4.10
CA ILE A 113 -3.47 17.58 -3.36
C ILE A 113 -3.01 17.53 -1.89
N GLY A 114 -3.49 16.50 -1.20
CA GLY A 114 -3.11 16.24 0.16
C GLY A 114 -1.64 15.96 0.29
N TYR A 115 -1.16 16.05 1.52
CA TYR A 115 0.24 15.82 1.83
C TYR A 115 0.63 14.39 2.20
N HIS A 116 -0.21 13.41 1.92
CA HIS A 116 -0.07 12.05 2.54
C HIS A 116 1.23 11.37 2.12
N ILE A 117 1.63 11.58 0.89
CA ILE A 117 2.79 10.90 0.39
C ILE A 117 4.10 11.21 1.15
N PRO A 118 4.51 12.48 1.24
CA PRO A 118 5.71 12.79 2.01
C PRO A 118 5.61 12.45 3.48
N PHE A 119 4.43 12.54 4.00
CA PHE A 119 4.24 12.24 5.39
C PHE A 119 4.58 10.75 5.59
N ALA A 120 4.04 9.95 4.67
CA ALA A 120 4.39 8.51 4.58
C ALA A 120 5.90 8.30 4.43
N PHE A 121 6.47 8.97 3.43
CA PHE A 121 7.88 8.86 3.20
C PHE A 121 8.64 9.19 4.47
N ALA A 122 8.11 10.13 5.26
CA ALA A 122 8.81 10.54 6.47
C ALA A 122 8.97 9.34 7.39
N PHE A 123 8.10 8.37 7.34
CA PHE A 123 8.29 7.15 8.17
C PHE A 123 9.57 6.41 7.71
N ALA A 124 9.82 6.34 6.40
CA ALA A 124 10.99 5.53 5.95
C ALA A 124 12.23 6.21 6.49
N ILE A 125 12.21 7.55 6.46
CA ILE A 125 13.29 8.37 6.90
C ILE A 125 13.56 8.19 8.39
N LEU A 126 12.52 8.25 9.21
CA LEU A 126 12.68 8.06 10.67
C LEU A 126 13.21 6.68 10.98
N ALA A 127 12.83 5.66 10.20
CA ALA A 127 13.45 4.35 10.36
C ALA A 127 14.94 4.38 9.99
N TYR A 128 15.29 5.03 8.89
CA TYR A 128 16.70 5.19 8.58
C TYR A 128 17.45 5.87 9.73
N LEU A 129 16.87 6.95 10.25
CA LEU A 129 17.56 7.72 11.28
C LEU A 129 17.60 6.95 12.62
N THR A 130 16.62 6.12 12.86
CA THR A 130 16.69 5.27 14.04
C THR A 130 17.95 4.45 13.93
N LEU A 131 18.24 3.86 12.77
CA LEU A 131 19.42 3.02 12.70
C LEU A 131 20.81 3.79 12.72
N VAL A 132 20.84 4.99 12.20
CA VAL A 132 22.10 5.63 12.03
C VAL A 132 22.32 6.77 12.94
N LEU A 133 21.25 7.29 13.52
CA LEU A 133 21.37 8.42 14.40
C LEU A 133 20.78 8.14 15.79
N PHE A 134 19.47 7.91 15.93
CA PHE A 134 18.89 7.81 17.27
C PHE A 134 19.45 6.65 18.06
N ARG A 135 19.57 5.49 17.44
CA ARG A 135 20.00 4.35 18.21
C ARG A 135 21.51 4.45 18.57
N PRO A 136 22.36 4.73 17.59
CA PRO A 136 23.78 4.95 17.94
C PRO A 136 24.02 5.98 19.10
N VAL A 137 23.30 7.12 19.03
CA VAL A 137 23.37 8.14 20.01
C VAL A 137 22.85 7.63 21.36
N MET A 138 21.72 6.98 21.39
CA MET A 138 21.34 6.36 22.64
C MET A 138 22.29 5.31 23.16
N MET A 139 23.02 4.66 22.27
CA MET A 139 23.98 3.63 22.68
C MET A 139 25.37 4.17 22.89
N GLY A 140 25.67 5.41 22.50
CA GLY A 140 26.97 6.03 22.76
C GLY A 140 28.06 5.91 21.68
N ALA A 141 27.76 5.33 20.51
CA ALA A 141 28.78 5.36 19.47
C ALA A 141 28.23 5.21 18.10
N TRP A 142 28.82 5.98 17.20
CA TRP A 142 28.46 5.90 15.79
C TRP A 142 28.64 4.50 15.29
N GLY A 143 29.56 3.77 15.91
CA GLY A 143 29.96 2.46 15.41
C GLY A 143 28.85 1.45 15.56
N TYR A 144 27.80 1.74 16.31
CA TYR A 144 26.65 0.85 16.31
C TYR A 144 25.80 0.94 15.06
N ALA A 145 26.02 1.97 14.26
CA ALA A 145 25.27 2.08 13.00
C ALA A 145 25.71 1.10 11.91
N PHE A 146 24.89 1.00 10.88
CA PHE A 146 25.16 0.07 9.80
C PHE A 146 26.10 0.66 8.76
N PRO A 147 26.87 -0.20 8.12
CA PRO A 147 27.78 0.26 7.13
C PRO A 147 27.09 0.36 5.78
N TYR A 148 27.65 1.18 4.87
CA TYR A 148 27.05 1.43 3.55
C TYR A 148 27.78 0.62 2.55
N GLY A 149 27.30 -0.60 2.41
CA GLY A 149 27.72 -1.49 1.37
C GLY A 149 26.68 -2.59 1.17
N ILE A 150 26.47 -2.97 -0.09
CA ILE A 150 25.43 -3.90 -0.44
C ILE A 150 25.43 -5.14 0.38
N TRP A 151 26.61 -5.70 0.61
CA TRP A 151 26.66 -6.95 1.38
C TRP A 151 27.07 -6.74 2.84
N THR A 152 27.85 -5.71 3.07
CA THR A 152 28.31 -5.51 4.43
C THR A 152 27.12 -5.17 5.31
N HIS A 153 26.05 -4.57 4.77
CA HIS A 153 24.94 -4.19 5.67
C HIS A 153 24.15 -5.38 6.13
N LEU A 154 24.01 -6.34 5.24
CA LEU A 154 23.54 -7.68 5.59
C LEU A 154 24.41 -8.35 6.65
N ASP A 155 25.72 -8.23 6.50
CA ASP A 155 26.60 -8.74 7.52
C ASP A 155 26.24 -8.07 8.88
N TRP A 156 26.02 -6.76 8.89
CA TRP A 156 25.65 -6.06 10.14
C TRP A 156 24.33 -6.52 10.68
N VAL A 157 23.41 -6.83 9.76
CA VAL A 157 22.10 -7.23 10.20
C VAL A 157 22.19 -8.59 10.97
N SER A 158 22.90 -9.57 10.43
CA SER A 158 23.18 -10.81 11.14
C SER A 158 23.91 -10.59 12.45
N ASN A 159 25.01 -9.84 12.45
CA ASN A 159 25.71 -9.73 13.72
C ASN A 159 24.80 -9.03 14.72
N THR A 160 24.08 -8.01 14.25
CA THR A 160 23.29 -7.26 15.17
C THR A 160 22.21 -8.13 15.74
N GLY A 161 21.52 -8.85 14.86
CA GLY A 161 20.51 -9.78 15.31
C GLY A 161 20.99 -10.79 16.31
N TYR A 162 22.07 -11.51 16.02
CA TYR A 162 22.46 -12.68 16.79
C TYR A 162 23.14 -12.31 18.09
N THR A 163 23.60 -11.07 18.22
CA THR A 163 24.03 -10.53 19.52
C THR A 163 22.92 -10.75 20.59
N TYR A 164 21.65 -10.89 20.19
CA TYR A 164 20.54 -11.03 21.12
C TYR A 164 19.84 -12.43 21.00
N GLY A 165 20.63 -13.42 20.59
CA GLY A 165 20.10 -14.75 20.30
C GLY A 165 19.36 -14.66 18.97
N ASN A 166 18.19 -15.32 18.91
CA ASN A 166 17.34 -15.26 17.74
C ASN A 166 16.49 -14.04 17.89
N PHE A 167 16.58 -13.15 16.92
CA PHE A 167 15.95 -11.84 17.01
C PHE A 167 14.43 -11.94 16.84
N HIS A 168 13.99 -13.11 16.37
CA HIS A 168 12.56 -13.39 16.26
C HIS A 168 11.84 -13.11 17.55
N TYR A 169 12.55 -13.22 18.68
CA TYR A 169 11.89 -13.12 20.01
C TYR A 169 11.73 -11.68 20.47
N ASN A 170 12.23 -10.72 19.70
CA ASN A 170 11.89 -9.32 19.98
C ASN A 170 10.39 -9.18 19.69
N PRO A 171 9.56 -9.00 20.71
CA PRO A 171 8.11 -8.83 20.48
C PRO A 171 7.73 -7.64 19.60
N ALA A 172 8.46 -6.54 19.67
CA ALA A 172 8.17 -5.45 18.77
C ALA A 172 8.42 -5.85 17.28
N HIS A 173 9.47 -6.66 17.03
CA HIS A 173 9.85 -7.25 15.69
C HIS A 173 8.74 -8.21 15.23
N MET A 174 8.05 -8.86 16.15
CA MET A 174 7.04 -9.80 15.76
C MET A 174 5.88 -9.01 15.18
N ILE A 175 5.53 -7.90 15.84
CA ILE A 175 4.40 -7.09 15.41
C ILE A 175 4.70 -6.46 14.05
N ALA A 176 5.93 -6.01 13.88
CA ALA A 176 6.39 -5.40 12.62
C ALA A 176 6.27 -6.38 11.52
N ILE A 177 6.84 -7.54 11.73
CA ILE A 177 6.75 -8.58 10.72
C ILE A 177 5.27 -8.90 10.34
N SER A 178 4.38 -8.89 11.32
CA SER A 178 2.99 -9.24 11.03
C SER A 178 2.38 -8.21 10.10
N PHE A 179 2.66 -6.92 10.37
CA PHE A 179 2.25 -5.83 9.52
C PHE A 179 2.87 -5.96 8.15
N PHE A 180 4.15 -6.25 8.03
CA PHE A 180 4.75 -6.42 6.70
C PHE A 180 4.09 -7.53 5.90
N PHE A 181 3.82 -8.64 6.54
CA PHE A 181 3.21 -9.74 5.87
C PHE A 181 1.75 -9.39 5.53
N THR A 182 1.06 -8.81 6.51
CA THR A 182 -0.32 -8.49 6.30
C THR A 182 -0.49 -7.51 5.16
N ASN A 183 0.44 -6.57 5.09
CA ASN A 183 0.38 -5.48 4.10
C ASN A 183 0.48 -6.04 2.71
N ALA A 184 1.42 -6.95 2.51
CA ALA A 184 1.63 -7.65 1.26
C ALA A 184 0.44 -8.52 0.89
N LEU A 185 -0.16 -9.18 1.88
CA LEU A 185 -1.40 -9.86 1.64
C LEU A 185 -2.39 -8.84 1.09
N ALA A 186 -2.58 -7.74 1.79
CA ALA A 186 -3.57 -6.73 1.32
C ALA A 186 -3.25 -6.13 -0.06
N LEU A 187 -1.97 -5.96 -0.36
CA LEU A 187 -1.57 -5.39 -1.62
C LEU A 187 -1.95 -6.40 -2.72
N ALA A 188 -1.63 -7.66 -2.50
CA ALA A 188 -2.02 -8.69 -3.46
C ALA A 188 -3.53 -8.67 -3.71
N LEU A 189 -4.31 -8.60 -2.64
CA LEU A 189 -5.78 -8.59 -2.73
C LEU A 189 -6.33 -7.35 -3.39
N HIS A 190 -5.85 -6.21 -2.99
CA HIS A 190 -6.26 -5.02 -3.65
C HIS A 190 -5.95 -5.03 -5.16
N GLY A 191 -4.74 -5.32 -5.53
CA GLY A 191 -4.42 -5.31 -6.95
C GLY A 191 -5.28 -6.33 -7.68
N ALA A 192 -5.39 -7.54 -7.13
CA ALA A 192 -6.19 -8.54 -7.81
C ALA A 192 -7.67 -8.12 -7.86
N LEU A 193 -8.16 -7.49 -6.82
CA LEU A 193 -9.57 -7.18 -6.83
C LEU A 193 -9.93 -6.16 -7.96
N VAL A 194 -9.22 -5.04 -7.98
CA VAL A 194 -9.43 -4.01 -8.95
C VAL A 194 -9.22 -4.58 -10.36
N LEU A 195 -8.19 -5.37 -10.57
CA LEU A 195 -7.95 -5.93 -11.86
C LEU A 195 -8.98 -6.98 -12.25
N SER A 196 -9.53 -7.74 -11.29
CA SER A 196 -10.60 -8.69 -11.60
C SER A 196 -11.90 -7.98 -12.03
N ALA A 197 -12.12 -6.75 -11.55
CA ALA A 197 -13.30 -6.01 -11.92
C ALA A 197 -13.11 -5.24 -13.27
N ALA A 198 -11.92 -4.71 -13.46
CA ALA A 198 -11.62 -3.93 -14.65
C ALA A 198 -11.41 -4.82 -15.89
N ASN A 199 -11.12 -6.09 -15.64
CA ASN A 199 -10.76 -7.08 -16.60
C ASN A 199 -11.51 -8.36 -16.24
N PRO A 200 -12.84 -8.31 -16.43
CA PRO A 200 -13.72 -9.41 -16.14
C PRO A 200 -13.54 -10.56 -17.14
N GLU A 201 -14.41 -11.57 -17.06
CA GLU A 201 -14.38 -12.68 -18.07
C GLU A 201 -14.57 -12.18 -19.47
N LYS A 202 -14.01 -12.92 -20.43
CA LYS A 202 -13.96 -12.52 -21.86
C LYS A 202 -15.36 -12.12 -22.31
N GLY A 203 -15.46 -10.97 -22.93
CA GLY A 203 -16.75 -10.57 -23.42
C GLY A 203 -17.58 -9.72 -22.50
N LYS A 204 -17.30 -9.74 -21.20
CA LYS A 204 -18.24 -9.09 -20.29
C LYS A 204 -17.93 -7.65 -20.03
N GLU A 205 -18.92 -6.97 -19.49
CA GLU A 205 -18.77 -5.56 -19.18
C GLU A 205 -17.92 -5.42 -17.90
N MET A 206 -17.17 -4.34 -17.82
CA MET A 206 -16.51 -4.03 -16.56
C MET A 206 -17.50 -4.24 -15.43
N ARG A 207 -17.02 -4.90 -14.38
CA ARG A 207 -17.62 -4.87 -13.07
C ARG A 207 -17.54 -3.52 -12.35
N THR A 208 -18.20 -3.43 -11.19
CA THR A 208 -18.36 -2.16 -10.43
C THR A 208 -17.82 -2.36 -9.02
N PRO A 209 -17.63 -1.27 -8.27
CA PRO A 209 -17.29 -1.40 -6.86
C PRO A 209 -18.32 -2.22 -6.04
N ASP A 210 -19.55 -2.30 -6.51
CA ASP A 210 -20.55 -3.15 -5.85
C ASP A 210 -20.13 -4.61 -6.06
N HIS A 211 -19.63 -4.95 -7.22
CA HIS A 211 -19.07 -6.29 -7.41
C HIS A 211 -17.89 -6.63 -6.53
N GLU A 212 -17.10 -5.62 -6.19
CA GLU A 212 -15.88 -5.85 -5.45
C GLU A 212 -16.27 -6.14 -4.01
N ASP A 213 -17.11 -5.26 -3.46
CA ASP A 213 -17.79 -5.49 -2.19
C ASP A 213 -18.47 -6.84 -2.16
N THR A 214 -19.15 -7.18 -3.23
CA THR A 214 -19.88 -8.44 -3.20
C THR A 214 -18.90 -9.60 -3.15
N PHE A 215 -17.81 -9.51 -3.96
CA PHE A 215 -16.85 -10.63 -4.00
C PHE A 215 -16.27 -10.85 -2.65
N PHE A 216 -15.92 -9.75 -1.97
CA PHE A 216 -15.29 -9.90 -0.64
C PHE A 216 -16.23 -10.40 0.46
N ARG A 217 -17.46 -9.94 0.40
CA ARG A 217 -18.45 -10.38 1.32
C ARG A 217 -18.77 -11.83 1.05
N ASP A 218 -18.99 -12.21 -0.19
CA ASP A 218 -19.19 -13.63 -0.44
C ASP A 218 -17.98 -14.41 0.07
N LEU A 219 -16.75 -13.92 -0.14
CA LEU A 219 -15.57 -14.71 0.21
C LEU A 219 -15.40 -14.78 1.69
N VAL A 220 -15.40 -13.65 2.37
CA VAL A 220 -15.06 -13.72 3.79
C VAL A 220 -16.01 -13.11 4.76
N GLY A 221 -17.11 -12.56 4.26
CA GLY A 221 -18.14 -11.98 5.12
C GLY A 221 -17.95 -10.50 5.39
N TYR A 222 -16.97 -9.87 4.76
CA TYR A 222 -16.72 -8.43 5.06
C TYR A 222 -16.05 -7.75 3.87
N SER A 223 -16.40 -6.49 3.65
CA SER A 223 -15.65 -5.66 2.72
C SER A 223 -15.29 -4.39 3.44
N ILE A 224 -14.02 -4.05 3.39
CA ILE A 224 -13.58 -2.80 3.97
C ILE A 224 -13.95 -1.58 3.08
N GLY A 225 -14.12 -1.78 1.76
CA GLY A 225 -14.48 -0.69 0.83
C GLY A 225 -13.32 0.01 0.17
N THR A 226 -13.60 0.90 -0.73
CA THR A 226 -12.58 1.39 -1.65
C THR A 226 -11.79 2.48 -1.01
N LEU A 227 -12.38 3.18 -0.07
CA LEU A 227 -11.64 4.15 0.70
C LEU A 227 -10.88 3.40 1.75
N GLY A 228 -11.61 2.48 2.38
CA GLY A 228 -11.10 1.57 3.40
C GLY A 228 -9.79 0.94 3.03
N ILE A 229 -9.74 0.32 1.87
CA ILE A 229 -8.54 -0.49 1.52
C ILE A 229 -7.34 0.44 1.31
N HIS A 230 -7.58 1.70 0.90
CA HIS A 230 -6.43 2.58 0.72
C HIS A 230 -5.99 3.10 2.08
N ARG A 231 -6.93 3.39 2.95
CA ARG A 231 -6.57 3.71 4.32
C ARG A 231 -5.81 2.60 4.97
N LEU A 232 -6.19 1.36 4.66
CA LEU A 232 -5.61 0.20 5.31
C LEU A 232 -4.15 0.00 4.88
N GLY A 233 -3.90 0.16 3.59
CA GLY A 233 -2.57 -0.09 3.02
C GLY A 233 -1.63 0.88 3.67
N LEU A 234 -2.11 2.08 3.89
CA LEU A 234 -1.26 3.10 4.43
C LEU A 234 -0.95 2.69 5.87
N LEU A 235 -1.96 2.35 6.64
CA LEU A 235 -1.81 2.02 8.02
C LEU A 235 -0.87 0.82 8.21
N LEU A 236 -1.12 -0.24 7.48
CA LEU A 236 -0.34 -1.44 7.58
C LEU A 236 1.09 -1.12 7.27
N SER A 237 1.32 -0.48 6.15
CA SER A 237 2.69 -0.13 5.69
C SER A 237 3.49 0.69 6.74
N LEU A 238 2.93 1.80 7.20
CA LEU A 238 3.59 2.66 8.14
C LEU A 238 3.65 2.05 9.54
N SER A 239 2.71 1.17 9.86
CA SER A 239 2.77 0.55 11.18
C SER A 239 3.86 -0.45 11.14
N ALA A 240 4.05 -1.11 10.01
CA ALA A 240 5.19 -2.04 9.92
C ALA A 240 6.50 -1.31 10.16
N VAL A 241 6.62 -0.11 9.62
CA VAL A 241 7.83 0.64 9.73
C VAL A 241 7.92 1.21 11.12
N PHE A 242 6.83 1.57 11.71
CA PHE A 242 6.90 2.22 13.00
C PHE A 242 7.44 1.18 13.98
N PHE A 243 6.90 -0.02 13.91
CA PHE A 243 7.28 -1.08 14.87
C PHE A 243 8.68 -1.65 14.58
N SER A 244 9.12 -1.55 13.35
CA SER A 244 10.50 -1.84 13.00
C SER A 244 11.42 -0.91 13.77
N ALA A 245 11.17 0.39 13.66
CA ALA A 245 12.01 1.36 14.32
C ALA A 245 12.03 1.08 15.84
N LEU A 246 10.87 0.80 16.34
CA LEU A 246 10.70 0.64 17.75
C LEU A 246 11.41 -0.65 18.18
N CYS A 247 11.35 -1.71 17.38
CA CYS A 247 12.01 -2.96 17.70
C CYS A 247 13.55 -2.77 17.81
N MET A 248 14.08 -1.79 17.09
CA MET A 248 15.51 -1.49 17.15
C MET A 248 15.87 -0.39 18.15
N ILE A 249 14.97 0.59 18.37
CA ILE A 249 15.27 1.67 19.29
C ILE A 249 15.39 1.08 20.70
N ILE A 250 14.64 0.06 21.03
CA ILE A 250 14.69 -0.55 22.34
C ILE A 250 15.79 -1.58 22.49
N THR A 251 16.47 -1.91 21.38
CA THR A 251 17.38 -3.02 21.39
C THR A 251 18.79 -2.51 21.53
N GLY A 252 19.45 -2.94 22.59
CA GLY A 252 20.72 -2.36 23.02
C GLY A 252 20.53 -1.11 23.88
N THR A 253 19.30 -0.76 24.24
CA THR A 253 19.06 0.42 25.06
C THR A 253 18.22 0.00 26.27
N ILE A 254 16.96 -0.33 26.13
CA ILE A 254 16.24 -0.73 27.31
C ILE A 254 16.35 -2.24 27.48
N TRP A 255 16.52 -2.99 26.40
CA TRP A 255 16.73 -4.45 26.49
C TRP A 255 17.97 -4.80 25.75
N PHE A 256 18.91 -5.44 26.41
CA PHE A 256 20.19 -5.76 25.75
C PHE A 256 20.61 -7.23 26.00
N ASP A 257 19.80 -7.98 26.71
CA ASP A 257 20.09 -9.41 26.88
C ASP A 257 19.55 -10.20 25.70
N GLN A 258 19.33 -11.47 25.90
CA GLN A 258 18.82 -12.31 24.84
C GLN A 258 17.30 -12.12 24.78
N TRP A 259 16.79 -11.82 23.59
CA TRP A 259 15.32 -11.57 23.49
C TRP A 259 14.45 -12.71 23.98
N VAL A 260 14.87 -13.94 23.69
CA VAL A 260 14.18 -15.15 24.10
C VAL A 260 13.88 -15.14 25.58
N ASP A 261 14.74 -14.59 26.43
CA ASP A 261 14.51 -14.60 27.89
C ASP A 261 13.51 -13.54 28.38
N TRP A 262 13.22 -12.55 27.56
CA TRP A 262 12.20 -11.54 27.91
C TRP A 262 10.91 -12.25 28.29
N TRP A 263 10.58 -13.31 27.59
CA TRP A 263 9.31 -13.96 27.66
C TRP A 263 9.11 -14.63 29.01
N GLN A 264 10.14 -14.84 29.77
CA GLN A 264 9.94 -15.44 31.11
C GLN A 264 9.03 -14.58 32.03
N TRP A 265 8.83 -13.31 31.72
CA TRP A 265 7.93 -12.54 32.56
C TRP A 265 6.55 -13.21 32.63
N TRP A 266 6.09 -13.72 31.50
CA TRP A 266 4.79 -14.38 31.39
C TRP A 266 4.80 -15.75 32.08
N VAL A 267 5.82 -16.56 31.77
CA VAL A 267 5.90 -17.92 32.31
C VAL A 267 5.97 -17.91 33.85
N LYS A 268 6.59 -16.85 34.39
CA LYS A 268 6.87 -16.71 35.83
C LYS A 268 5.77 -16.00 36.61
N LEU A 269 4.65 -15.68 36.00
CA LEU A 269 3.61 -15.00 36.77
C LEU A 269 3.17 -15.91 37.94
N PRO A 270 2.99 -15.31 39.14
CA PRO A 270 2.88 -16.06 40.39
C PRO A 270 1.81 -17.13 40.33
N TRP A 271 0.66 -16.81 39.75
CA TRP A 271 -0.44 -17.76 39.75
C TRP A 271 -0.20 -19.08 39.05
N TRP A 272 0.72 -19.18 38.09
CA TRP A 272 0.97 -20.51 37.44
C TRP A 272 2.40 -20.88 37.35
N ALA A 273 3.25 -19.98 37.82
CA ALA A 273 4.72 -20.15 37.67
C ALA A 273 5.21 -21.52 38.16
N ASN A 274 4.66 -22.03 39.24
CA ASN A 274 5.20 -23.24 39.84
C ASN A 274 4.44 -24.51 39.55
N ILE A 275 3.28 -24.37 38.93
CA ILE A 275 2.45 -25.54 38.61
C ILE A 275 3.29 -26.51 37.80
N PRO A 276 3.31 -27.79 38.16
CA PRO A 276 4.16 -28.64 37.35
C PRO A 276 3.41 -29.02 36.05
N GLY A 277 4.06 -29.80 35.18
CA GLY A 277 3.56 -30.12 33.84
C GLY A 277 3.85 -29.07 32.75
N GLY A 278 3.65 -29.46 31.50
CA GLY A 278 3.73 -28.50 30.41
C GLY A 278 5.10 -28.56 29.80
N ILE A 279 5.65 -27.42 29.38
CA ILE A 279 6.99 -27.34 28.79
C ILE A 279 7.94 -26.76 29.81
N ASN A 280 7.46 -25.95 30.72
CA ASN A 280 8.29 -25.19 31.66
C ASN A 280 8.11 -25.64 33.10
N GLY A 281 7.54 -26.81 33.32
CA GLY A 281 7.43 -27.36 34.67
C GLY A 281 7.36 -28.88 34.72
N ALA B 1 -5.70 22.75 12.14
CA ALA B 1 -6.33 23.14 10.86
C ALA B 1 -6.94 21.90 10.21
N GLU B 2 -6.36 21.50 9.07
CA GLU B 2 -7.07 20.77 7.99
C GLU B 2 -7.28 19.24 8.20
N TYR B 3 -8.26 18.68 7.48
CA TYR B 3 -8.81 17.28 7.65
C TYR B 3 -8.16 16.24 6.69
N GLN B 4 -7.89 15.01 7.17
CA GLN B 4 -6.96 14.12 6.45
C GLN B 4 -7.48 12.80 5.82
N ASN B 5 -8.70 12.43 6.11
CA ASN B 5 -9.38 11.26 5.51
C ASN B 5 -8.83 9.89 5.90
N ILE B 6 -8.24 9.83 7.08
CA ILE B 6 -7.81 8.57 7.65
C ILE B 6 -9.00 7.89 8.31
N PHE B 7 -9.79 8.71 9.00
CA PHE B 7 -11.06 8.33 9.66
C PHE B 7 -12.18 9.25 9.16
N SER B 8 -13.39 8.72 9.06
CA SER B 8 -14.52 9.47 8.57
C SER B 8 -14.98 10.40 9.65
N GLN B 9 -15.48 11.56 9.31
CA GLN B 9 -16.09 12.42 10.32
C GLN B 9 -17.56 12.09 10.55
N VAL B 10 -18.27 11.69 9.50
CA VAL B 10 -19.71 11.37 9.56
C VAL B 10 -19.95 10.04 8.89
N GLN B 11 -20.68 9.15 9.55
CA GLN B 11 -21.12 7.90 8.90
C GLN B 11 -22.53 8.05 8.41
N VAL B 12 -22.84 7.34 7.35
CA VAL B 12 -24.21 7.29 6.92
C VAL B 12 -24.50 5.84 6.68
N ARG B 13 -25.73 5.46 6.95
CA ARG B 13 -26.15 4.12 6.72
C ARG B 13 -27.52 4.15 6.00
N GLY B 14 -27.77 3.13 5.20
CA GLY B 14 -29.09 2.85 4.64
C GLY B 14 -29.35 1.36 4.73
N PRO B 15 -30.42 0.84 4.04
CA PRO B 15 -30.68 -0.60 4.09
C PRO B 15 -29.43 -1.44 3.76
N ALA B 16 -29.31 -2.59 4.39
CA ALA B 16 -28.17 -3.45 4.15
C ALA B 16 -28.06 -3.90 2.69
N ASP B 17 -26.81 -3.93 2.24
CA ASP B 17 -26.48 -4.26 0.89
C ASP B 17 -26.24 -5.78 0.75
N LEU B 18 -27.19 -6.45 0.10
CA LEU B 18 -27.14 -7.86 -0.13
C LEU B 18 -26.25 -8.24 -1.27
N GLY B 19 -25.90 -7.27 -2.08
CA GLY B 19 -24.91 -7.51 -3.10
C GLY B 19 -25.51 -7.79 -4.46
N MET B 20 -24.64 -7.85 -5.43
CA MET B 20 -24.92 -8.15 -6.78
C MET B 20 -25.22 -9.63 -6.93
N THR B 21 -26.19 -9.91 -7.78
CA THR B 21 -26.64 -11.24 -7.98
C THR B 21 -25.85 -11.98 -9.05
N GLU B 22 -25.77 -11.41 -10.27
CA GLU B 22 -25.02 -12.07 -11.37
C GLU B 22 -25.41 -13.56 -11.31
N ASP B 23 -24.47 -14.49 -11.43
CA ASP B 23 -24.80 -15.90 -11.42
C ASP B 23 -24.62 -16.53 -10.02
N VAL B 24 -24.59 -15.73 -8.96
CA VAL B 24 -24.53 -16.33 -7.63
C VAL B 24 -25.82 -17.06 -7.22
N ASN B 25 -25.68 -18.29 -6.72
CA ASN B 25 -26.79 -18.90 -6.03
C ASN B 25 -27.17 -18.24 -4.68
N LEU B 26 -28.24 -17.44 -4.66
CA LEU B 26 -28.60 -16.69 -3.46
C LEU B 26 -29.05 -17.56 -2.24
N ALA B 27 -29.31 -18.83 -2.50
CA ALA B 27 -29.77 -19.69 -1.41
C ALA B 27 -28.67 -19.77 -0.36
N ASN B 28 -27.44 -19.92 -0.87
CA ASN B 28 -26.21 -19.99 -0.11
C ASN B 28 -25.64 -18.68 0.44
N ARG B 29 -26.42 -17.62 0.47
CA ARG B 29 -25.94 -16.37 1.03
C ARG B 29 -26.60 -16.26 2.37
N SER B 30 -25.82 -15.98 3.40
CA SER B 30 -26.36 -15.71 4.69
C SER B 30 -27.23 -14.40 4.64
N GLY B 31 -27.46 -13.82 5.79
CA GLY B 31 -28.15 -12.57 5.85
C GLY B 31 -27.18 -11.62 6.51
N VAL B 32 -27.55 -10.35 6.46
CA VAL B 32 -26.62 -9.36 6.89
C VAL B 32 -26.40 -9.58 8.36
N GLY B 33 -25.27 -9.09 8.84
CA GLY B 33 -24.88 -9.26 10.20
C GLY B 33 -25.12 -7.97 10.85
N PRO B 34 -24.43 -7.75 11.96
CA PRO B 34 -24.47 -6.45 12.59
C PRO B 34 -23.78 -5.34 11.75
N PHE B 35 -24.11 -4.11 12.07
CA PHE B 35 -23.41 -2.99 11.56
C PHE B 35 -22.50 -2.61 12.69
N SER B 36 -21.21 -2.43 12.40
CA SER B 36 -20.27 -1.96 13.41
C SER B 36 -19.91 -0.49 13.19
N THR B 37 -20.39 0.37 14.07
CA THR B 37 -19.99 1.75 14.08
C THR B 37 -18.49 1.90 14.30
N LEU B 38 -17.88 0.99 15.04
CA LEU B 38 -16.43 1.13 15.25
C LEU B 38 -15.68 1.01 13.94
N LEU B 39 -16.05 0.02 13.14
CA LEU B 39 -15.41 -0.26 11.87
C LEU B 39 -15.67 0.87 10.92
N GLY B 40 -16.88 1.42 11.03
CA GLY B 40 -17.30 2.53 10.17
C GLY B 40 -16.46 3.80 10.24
N TRP B 41 -15.73 4.04 11.33
CA TRP B 41 -14.90 5.20 11.33
C TRP B 41 -13.81 5.09 10.31
N PHE B 42 -13.45 3.87 9.94
CA PHE B 42 -12.29 3.64 9.12
C PHE B 42 -12.62 3.10 7.73
N GLY B 43 -13.55 2.16 7.67
CA GLY B 43 -14.00 1.54 6.44
C GLY B 43 -15.51 1.33 6.53
N ASN B 44 -15.99 0.30 5.87
CA ASN B 44 -17.41 -0.05 5.88
C ASN B 44 -17.95 -0.61 7.23
N ALA B 45 -19.17 -0.19 7.61
CA ALA B 45 -19.84 -0.68 8.84
C ALA B 45 -20.57 -2.03 8.68
N GLN B 46 -20.98 -2.35 7.45
CA GLN B 46 -21.72 -3.57 7.23
C GLN B 46 -20.86 -4.86 7.29
N LEU B 47 -21.33 -5.73 8.20
CA LEU B 47 -20.90 -7.11 8.37
C LEU B 47 -21.85 -8.07 7.63
N GLY B 48 -21.28 -9.07 7.00
CA GLY B 48 -22.04 -9.95 6.15
C GLY B 48 -22.63 -9.27 4.92
N PRO B 49 -23.34 -10.04 4.11
CA PRO B 49 -23.57 -11.46 4.25
C PRO B 49 -22.39 -12.28 3.68
N ILE B 50 -22.31 -13.55 4.08
CA ILE B 50 -21.30 -14.42 3.53
C ILE B 50 -21.94 -15.54 2.71
N TYR B 51 -21.16 -16.16 1.88
CA TYR B 51 -21.60 -17.22 1.01
C TYR B 51 -21.02 -18.51 1.50
N LEU B 52 -21.85 -19.53 1.72
CA LEU B 52 -21.39 -20.84 2.19
C LEU B 52 -22.08 -21.94 1.38
N GLY B 53 -21.38 -22.40 0.35
CA GLY B 53 -21.79 -23.60 -0.35
C GLY B 53 -21.11 -24.84 0.22
N SER B 54 -21.00 -25.86 -0.60
CA SER B 54 -20.34 -27.10 -0.19
C SER B 54 -18.85 -26.91 0.05
N LEU B 55 -18.12 -26.36 -0.93
CA LEU B 55 -16.70 -26.05 -0.72
C LEU B 55 -16.47 -25.24 0.52
N GLY B 56 -17.34 -24.27 0.78
CA GLY B 56 -17.14 -23.40 1.92
C GLY B 56 -17.20 -24.15 3.23
N VAL B 57 -18.21 -24.99 3.34
CA VAL B 57 -18.43 -25.80 4.52
C VAL B 57 -17.26 -26.75 4.73
N LEU B 58 -16.90 -27.49 3.69
CA LEU B 58 -15.76 -28.39 3.69
C LEU B 58 -14.53 -27.69 4.17
N SER B 59 -14.31 -26.49 3.64
CA SER B 59 -13.07 -25.74 3.83
C SER B 59 -12.94 -25.37 5.28
N LEU B 60 -14.04 -24.94 5.80
CA LEU B 60 -14.08 -24.43 7.12
C LEU B 60 -14.23 -25.52 8.20
N PHE B 61 -14.91 -26.62 7.94
CA PHE B 61 -14.90 -27.76 8.86
C PHE B 61 -13.42 -28.28 8.88
N SER B 62 -12.82 -28.35 7.71
CA SER B 62 -11.47 -28.85 7.66
C SER B 62 -10.50 -27.91 8.37
N GLY B 63 -10.73 -26.62 8.22
CA GLY B 63 -9.86 -25.67 8.83
C GLY B 63 -9.88 -25.80 10.33
N LEU B 64 -11.07 -26.05 10.88
CA LEU B 64 -11.28 -26.27 12.31
C LEU B 64 -10.71 -27.59 12.78
N MET B 65 -10.87 -28.63 11.99
CA MET B 65 -10.26 -29.89 12.35
C MET B 65 -8.74 -29.74 12.50
N TRP B 66 -8.12 -28.93 11.64
CA TRP B 66 -6.69 -28.63 11.75
C TRP B 66 -6.35 -27.97 13.06
N PHE B 67 -7.17 -26.97 13.41
CA PHE B 67 -6.92 -26.12 14.53
C PHE B 67 -7.24 -26.87 15.78
N PHE B 68 -8.34 -27.64 15.79
CA PHE B 68 -8.73 -28.47 16.95
C PHE B 68 -7.72 -29.60 17.14
N THR B 69 -7.14 -30.15 16.08
CA THR B 69 -6.13 -31.20 16.21
C THR B 69 -4.85 -30.69 16.86
N ILE B 70 -4.43 -29.50 16.46
CA ILE B 70 -3.23 -28.95 17.05
C ILE B 70 -3.56 -28.68 18.51
N GLY B 71 -4.77 -28.21 18.78
CA GLY B 71 -5.19 -27.75 20.11
C GLY B 71 -5.32 -28.86 21.14
N ILE B 72 -5.73 -30.02 20.64
CA ILE B 72 -5.92 -31.23 21.43
C ILE B 72 -4.55 -31.67 21.89
N TRP B 73 -3.58 -31.64 21.00
CA TRP B 73 -2.18 -31.90 21.38
C TRP B 73 -1.67 -30.86 22.40
N PHE B 74 -2.15 -29.63 22.29
CA PHE B 74 -1.61 -28.64 23.21
C PHE B 74 -2.06 -28.95 24.61
N TRP B 75 -3.35 -29.24 24.76
CA TRP B 75 -3.89 -29.68 26.04
C TRP B 75 -3.14 -30.93 26.58
N TYR B 76 -2.89 -31.90 25.73
CA TYR B 76 -2.15 -33.06 26.17
C TYR B 76 -0.74 -32.70 26.66
N GLN B 77 -0.09 -31.74 26.03
CA GLN B 77 1.25 -31.38 26.46
C GLN B 77 1.15 -30.64 27.76
N ALA B 78 -0.04 -30.09 27.98
CA ALA B 78 -0.35 -29.35 29.19
C ALA B 78 -0.77 -30.24 30.37
N GLY B 79 -0.83 -31.57 30.17
CA GLY B 79 -1.54 -32.50 31.06
C GLY B 79 -2.92 -31.96 31.44
N TRP B 80 -3.68 -31.54 30.45
CA TRP B 80 -5.08 -31.09 30.63
C TRP B 80 -5.24 -29.99 31.68
N ASN B 81 -4.16 -29.30 32.05
CA ASN B 81 -4.28 -28.24 33.04
C ASN B 81 -4.47 -26.83 32.45
N PRO B 82 -5.67 -26.24 32.57
CA PRO B 82 -5.94 -24.89 31.99
C PRO B 82 -4.89 -23.82 32.28
N ALA B 83 -4.33 -23.82 33.47
CA ALA B 83 -3.33 -22.84 33.81
C ALA B 83 -2.05 -23.08 33.03
N VAL B 84 -1.64 -24.34 32.88
CA VAL B 84 -0.38 -24.63 32.23
C VAL B 84 -0.51 -24.33 30.73
N PHE B 85 -1.69 -24.67 30.20
CA PHE B 85 -2.05 -24.40 28.84
C PHE B 85 -1.83 -22.92 28.46
N LEU B 86 -2.34 -22.01 29.27
CA LEU B 86 -2.19 -20.61 28.94
C LEU B 86 -0.73 -20.24 29.16
N ARG B 87 -0.10 -20.81 30.19
CA ARG B 87 1.24 -20.36 30.53
C ARG B 87 2.20 -20.68 29.38
N ASP B 88 2.05 -21.91 28.89
CA ASP B 88 2.97 -22.48 27.93
C ASP B 88 2.45 -22.47 26.51
N LEU B 89 1.50 -21.58 26.25
CA LEU B 89 0.81 -21.58 24.95
C LEU B 89 1.74 -21.46 23.76
N PHE B 90 2.69 -20.53 23.87
CA PHE B 90 3.61 -20.25 22.79
C PHE B 90 4.72 -21.27 22.73
N PHE B 91 4.80 -22.15 23.70
CA PHE B 91 5.88 -23.17 23.71
C PHE B 91 5.44 -24.48 23.21
N PHE B 92 4.16 -24.78 23.28
CA PHE B 92 3.67 -26.07 22.77
C PHE B 92 4.01 -26.20 21.29
N SER B 93 4.04 -27.42 20.78
CA SER B 93 4.39 -27.61 19.40
C SER B 93 3.98 -29.00 18.95
N LEU B 94 3.31 -29.06 17.79
CA LEU B 94 3.00 -30.29 17.09
C LEU B 94 4.05 -30.57 16.02
N GLU B 95 4.87 -31.57 16.26
CA GLU B 95 6.08 -31.75 15.46
C GLU B 95 5.83 -32.89 14.54
N PRO B 96 6.48 -32.85 13.37
CA PRO B 96 6.33 -33.86 12.35
C PRO B 96 7.04 -35.14 12.73
N PRO B 97 6.79 -36.23 12.02
CA PRO B 97 7.56 -37.43 12.34
C PRO B 97 9.06 -37.25 12.24
N ALA B 98 9.77 -38.11 12.97
CA ALA B 98 11.20 -38.08 13.00
C ALA B 98 11.77 -38.61 11.66
N PRO B 99 13.04 -38.29 11.34
CA PRO B 99 13.66 -38.76 10.08
C PRO B 99 13.47 -40.25 9.79
N GLU B 100 13.70 -41.09 10.80
CA GLU B 100 13.41 -42.53 10.79
C GLU B 100 12.36 -42.90 9.79
N TYR B 101 11.24 -42.20 9.85
CA TYR B 101 10.02 -42.60 9.15
C TYR B 101 9.92 -42.20 7.72
N GLY B 102 10.87 -41.39 7.25
CA GLY B 102 10.87 -40.97 5.85
C GLY B 102 9.54 -40.32 5.53
N LEU B 103 8.97 -40.76 4.42
CA LEU B 103 7.76 -40.15 3.90
C LEU B 103 6.53 -40.97 4.18
N SER B 104 6.62 -41.93 5.09
CA SER B 104 5.55 -42.86 5.26
C SER B 104 4.61 -42.34 6.29
N PHE B 105 3.43 -42.96 6.32
CA PHE B 105 2.39 -42.64 7.27
C PHE B 105 2.43 -43.61 8.47
N ALA B 106 3.58 -44.22 8.72
CA ALA B 106 3.67 -45.29 9.74
C ALA B 106 3.75 -44.78 11.16
N ALA B 107 3.92 -43.48 11.37
CA ALA B 107 4.42 -43.04 12.67
C ALA B 107 3.30 -42.99 13.73
N PRO B 108 3.62 -43.36 14.96
CA PRO B 108 2.54 -43.30 15.97
C PRO B 108 1.93 -41.90 16.16
N LEU B 109 0.68 -41.83 16.56
CA LEU B 109 0.08 -40.56 16.87
C LEU B 109 0.99 -39.64 17.66
N LYS B 110 1.50 -40.06 18.81
CA LYS B 110 2.26 -39.11 19.67
C LYS B 110 3.62 -38.79 19.10
N GLU B 111 4.06 -39.53 18.10
CA GLU B 111 5.35 -39.30 17.45
C GLU B 111 5.13 -38.82 16.00
N GLY B 112 4.19 -37.91 15.79
CA GLY B 112 4.08 -37.20 14.51
C GLY B 112 3.01 -37.67 13.54
N GLY B 113 2.25 -38.69 13.90
CA GLY B 113 1.10 -39.13 13.10
C GLY B 113 -0.03 -38.11 13.18
N LEU B 114 -0.29 -37.65 14.39
CA LEU B 114 -1.13 -36.48 14.64
C LEU B 114 -0.76 -35.22 13.81
N TRP B 115 0.52 -34.99 13.53
CA TRP B 115 0.98 -33.85 12.71
C TRP B 115 0.53 -34.06 11.25
N LEU B 116 0.52 -35.33 10.86
CA LEU B 116 0.12 -35.76 9.53
C LEU B 116 -1.35 -35.57 9.33
N ILE B 117 -2.08 -35.79 10.40
CA ILE B 117 -3.50 -35.68 10.34
C ILE B 117 -3.83 -34.18 10.31
N ALA B 118 -3.13 -33.41 11.14
CA ALA B 118 -3.36 -31.96 11.13
C ALA B 118 -3.06 -31.45 9.71
N SER B 119 -1.95 -31.95 9.16
CA SER B 119 -1.49 -31.47 7.89
C SER B 119 -2.49 -31.86 6.80
N PHE B 120 -3.07 -33.06 6.91
CA PHE B 120 -4.08 -33.47 5.95
C PHE B 120 -5.25 -32.47 5.98
N PHE B 121 -5.76 -32.14 7.17
CA PHE B 121 -6.91 -31.22 7.25
C PHE B 121 -6.61 -29.79 6.69
N MET B 122 -5.35 -29.40 6.78
CA MET B 122 -4.97 -28.08 6.41
C MET B 122 -4.88 -28.07 4.89
N PHE B 123 -4.43 -29.15 4.33
CA PHE B 123 -4.26 -29.26 2.89
C PHE B 123 -5.64 -29.17 2.22
N VAL B 124 -6.63 -29.90 2.74
CA VAL B 124 -8.04 -29.80 2.29
C VAL B 124 -8.61 -28.37 2.46
N ALA B 125 -8.46 -27.82 3.65
CA ALA B 125 -8.89 -26.43 3.96
C ALA B 125 -8.48 -25.32 2.97
N VAL B 126 -7.18 -25.24 2.76
CA VAL B 126 -6.53 -24.27 1.89
C VAL B 126 -6.87 -24.49 0.41
N TRP B 127 -6.68 -25.69 -0.12
CA TRP B 127 -7.01 -25.92 -1.52
C TRP B 127 -8.50 -25.76 -1.80
N SER B 128 -9.35 -26.09 -0.85
CA SER B 128 -10.76 -25.95 -1.11
C SER B 128 -11.07 -24.45 -1.02
N TRP B 129 -10.44 -23.76 -0.07
CA TRP B 129 -10.59 -22.27 0.01
C TRP B 129 -10.09 -21.66 -1.28
N TRP B 130 -9.02 -22.20 -1.84
CA TRP B 130 -8.56 -21.70 -3.13
C TRP B 130 -9.65 -21.84 -4.15
N GLY B 131 -10.32 -23.01 -4.15
CA GLY B 131 -11.32 -23.32 -5.16
C GLY B 131 -12.43 -22.30 -5.01
N ARG B 132 -12.74 -22.01 -3.76
CA ARG B 132 -13.64 -20.92 -3.43
C ARG B 132 -13.21 -19.52 -4.02
N THR B 133 -11.95 -19.08 -3.90
CA THR B 133 -11.63 -17.77 -4.43
C THR B 133 -11.95 -17.72 -5.93
N TYR B 134 -11.71 -18.79 -6.63
CA TYR B 134 -11.92 -18.86 -8.07
C TYR B 134 -13.45 -18.80 -8.44
N LEU B 135 -14.22 -19.65 -7.79
CA LEU B 135 -15.63 -19.78 -8.02
C LEU B 135 -16.42 -18.57 -7.64
N ARG B 136 -16.18 -17.99 -6.47
CA ARG B 136 -16.91 -16.76 -6.10
C ARG B 136 -16.67 -15.61 -7.07
N ALA B 137 -15.55 -15.65 -7.78
CA ALA B 137 -15.24 -14.70 -8.85
C ALA B 137 -15.98 -15.11 -10.14
N GLN B 138 -15.98 -16.39 -10.44
CA GLN B 138 -16.66 -16.91 -11.62
C GLN B 138 -18.13 -16.54 -11.56
N ALA B 139 -18.76 -16.73 -10.40
CA ALA B 139 -20.18 -16.56 -10.24
C ALA B 139 -20.52 -15.08 -10.43
N LEU B 140 -19.54 -14.22 -10.19
CA LEU B 140 -19.79 -12.77 -10.37
C LEU B 140 -19.34 -12.21 -11.72
N GLY B 141 -18.70 -13.03 -12.54
CA GLY B 141 -18.20 -12.61 -13.85
C GLY B 141 -16.85 -11.91 -13.88
N MET B 142 -16.20 -11.93 -12.74
CA MET B 142 -14.93 -11.28 -12.54
C MET B 142 -13.77 -12.12 -13.08
N GLY B 143 -12.68 -11.45 -13.40
CA GLY B 143 -11.42 -12.15 -13.65
C GLY B 143 -10.98 -12.92 -12.40
N LYS B 144 -9.98 -13.78 -12.59
CA LYS B 144 -9.54 -14.72 -11.56
C LYS B 144 -8.17 -14.31 -10.90
N HIS B 145 -7.84 -13.03 -10.97
CA HIS B 145 -6.60 -12.50 -10.44
C HIS B 145 -6.41 -12.92 -8.99
N THR B 146 -7.49 -12.84 -8.23
CA THR B 146 -7.43 -13.21 -6.83
C THR B 146 -6.97 -14.68 -6.65
N ALA B 147 -7.56 -15.61 -7.38
CA ALA B 147 -7.15 -16.97 -7.27
C ALA B 147 -5.69 -17.09 -7.71
N TRP B 148 -5.27 -16.34 -8.73
CA TRP B 148 -3.93 -16.50 -9.25
C TRP B 148 -2.95 -15.90 -8.25
N ALA B 149 -3.28 -14.79 -7.65
CA ALA B 149 -2.43 -14.26 -6.59
C ALA B 149 -2.37 -15.18 -5.37
N PHE B 150 -3.47 -15.74 -4.95
CA PHE B 150 -3.50 -16.59 -3.73
C PHE B 150 -2.65 -17.85 -3.95
N LEU B 151 -2.60 -18.27 -5.21
CA LEU B 151 -1.77 -19.36 -5.62
C LEU B 151 -0.26 -19.10 -5.33
N SER B 152 0.20 -17.86 -5.46
CA SER B 152 1.58 -17.53 -5.13
C SER B 152 1.86 -17.81 -3.65
N ALA B 153 0.93 -17.40 -2.77
CA ALA B 153 1.05 -17.74 -1.34
C ALA B 153 1.06 -19.24 -1.15
N ILE B 154 0.13 -19.92 -1.80
CA ILE B 154 0.00 -21.34 -1.63
C ILE B 154 1.32 -22.00 -1.99
N TRP B 155 1.92 -21.54 -3.08
CA TRP B 155 3.15 -22.13 -3.56
C TRP B 155 4.18 -22.18 -2.42
N LEU B 156 4.35 -21.06 -1.71
CA LEU B 156 5.33 -21.05 -0.64
C LEU B 156 4.91 -22.03 0.45
N TRP B 157 3.65 -22.02 0.78
CA TRP B 157 3.15 -22.90 1.82
C TRP B 157 3.34 -24.35 1.47
N MET B 158 3.14 -24.69 0.19
CA MET B 158 3.26 -26.05 -0.28
C MET B 158 4.67 -26.52 -0.26
N VAL B 159 5.55 -25.63 -0.72
CA VAL B 159 6.97 -25.90 -0.72
C VAL B 159 7.50 -26.23 0.69
N LEU B 160 7.05 -25.50 1.70
CA LEU B 160 7.52 -25.70 3.08
C LEU B 160 7.05 -27.03 3.70
N GLY B 161 5.79 -27.36 3.50
CA GLY B 161 5.15 -28.45 4.21
C GLY B 161 5.03 -29.73 3.39
N PHE B 162 5.02 -29.63 2.07
CA PHE B 162 4.72 -30.79 1.25
C PHE B 162 5.81 -31.05 0.20
N ILE B 163 6.03 -30.15 -0.75
CA ILE B 163 6.93 -30.46 -1.87
C ILE B 163 8.40 -30.68 -1.41
N ARG B 164 8.93 -29.76 -0.63
CA ARG B 164 10.30 -29.87 -0.23
C ARG B 164 10.54 -31.13 0.61
N PRO B 165 9.69 -31.35 1.62
CA PRO B 165 9.87 -32.62 2.35
C PRO B 165 9.85 -33.89 1.44
N ILE B 166 8.95 -33.92 0.46
CA ILE B 166 8.84 -35.06 -0.42
C ILE B 166 10.18 -35.20 -1.14
N LEU B 167 10.64 -34.16 -1.82
CA LEU B 167 11.91 -34.25 -2.52
C LEU B 167 13.07 -34.53 -1.58
N MET B 168 13.01 -34.04 -0.35
CA MET B 168 14.08 -34.28 0.61
C MET B 168 14.04 -35.71 1.14
N GLY B 169 12.95 -36.45 0.88
CA GLY B 169 12.80 -37.80 1.37
C GLY B 169 12.24 -38.02 2.77
N SER B 170 11.86 -36.98 3.51
CA SER B 170 11.20 -37.18 4.83
C SER B 170 10.29 -36.05 5.32
N TRP B 171 9.20 -36.40 5.99
CA TRP B 171 8.34 -35.39 6.65
C TRP B 171 9.00 -34.55 7.76
N SER B 172 10.20 -34.91 8.18
CA SER B 172 10.78 -34.24 9.37
C SER B 172 11.38 -32.89 8.97
N GLU B 173 11.57 -32.71 7.66
CA GLU B 173 11.89 -31.41 7.07
C GLU B 173 10.78 -30.36 7.19
N ALA B 174 9.57 -30.76 7.50
CA ALA B 174 8.49 -29.80 7.48
C ALA B 174 8.42 -28.99 8.75
N VAL B 175 7.47 -28.06 8.72
CA VAL B 175 7.34 -27.04 9.73
C VAL B 175 6.39 -27.56 10.78
N PRO B 176 6.75 -27.36 12.06
CA PRO B 176 5.91 -27.71 13.18
C PRO B 176 4.87 -26.65 13.46
N TYR B 177 3.72 -27.06 13.94
CA TYR B 177 2.69 -26.16 14.28
C TYR B 177 2.96 -25.68 15.70
N GLY B 178 3.59 -24.53 15.85
CA GLY B 178 3.65 -23.87 17.16
C GLY B 178 4.16 -22.46 17.05
N ILE B 179 3.88 -21.59 18.02
CA ILE B 179 4.33 -20.21 17.85
C ILE B 179 5.86 -20.15 17.90
N PHE B 180 6.45 -20.49 19.05
CA PHE B 180 7.90 -20.38 19.13
C PHE B 180 8.57 -21.44 18.25
N SER B 181 8.05 -22.66 18.28
CA SER B 181 8.69 -23.70 17.47
C SER B 181 8.89 -23.32 16.01
N HIS B 182 7.92 -22.62 15.41
CA HIS B 182 8.00 -22.30 13.97
C HIS B 182 9.05 -21.24 13.71
N LEU B 183 9.27 -20.35 14.68
CA LEU B 183 10.37 -19.37 14.54
C LEU B 183 11.74 -20.04 14.70
N ASP B 184 11.85 -21.00 15.64
CA ASP B 184 13.08 -21.84 15.82
C ASP B 184 13.41 -22.66 14.57
N TRP B 185 12.38 -23.23 13.98
CA TRP B 185 12.54 -23.89 12.69
C TRP B 185 13.13 -22.97 11.63
N THR B 186 12.63 -21.74 11.58
CA THR B 186 13.00 -20.80 10.58
C THR B 186 14.45 -20.42 10.78
N ASN B 187 14.81 -20.10 12.02
CA ASN B 187 16.15 -19.74 12.30
C ASN B 187 17.11 -20.88 11.98
N ASN B 188 16.69 -22.05 12.37
CA ASN B 188 17.55 -23.17 12.27
C ASN B 188 17.72 -23.57 10.78
N PHE B 189 16.65 -23.49 10.00
CA PHE B 189 16.70 -23.68 8.55
C PHE B 189 17.81 -22.76 7.94
N SER B 190 17.88 -21.49 8.34
CA SER B 190 18.86 -20.60 7.71
C SER B 190 20.24 -21.07 8.13
N LEU B 191 20.46 -21.27 9.41
CA LEU B 191 21.77 -21.79 9.85
C LEU B 191 22.23 -23.09 9.09
N VAL B 192 21.30 -24.03 8.94
CA VAL B 192 21.62 -25.30 8.42
C VAL B 192 21.97 -25.26 6.92
N HIS B 193 21.59 -24.19 6.21
CA HIS B 193 21.85 -24.02 4.75
C HIS B 193 22.77 -22.79 4.51
N GLY B 194 23.46 -22.37 5.55
CA GLY B 194 24.61 -21.50 5.30
C GLY B 194 24.24 -20.04 5.27
N ASN B 195 23.09 -19.76 5.87
CA ASN B 195 22.56 -18.42 5.98
C ASN B 195 21.86 -18.04 4.69
N LEU B 196 20.56 -17.79 4.80
CA LEU B 196 19.75 -17.51 3.63
C LEU B 196 20.01 -16.12 3.06
N PHE B 197 20.72 -15.26 3.76
CA PHE B 197 21.18 -14.02 3.12
C PHE B 197 22.02 -14.32 1.90
N TYR B 198 22.66 -15.48 1.83
CA TYR B 198 23.36 -15.80 0.58
C TYR B 198 22.50 -16.43 -0.48
N ASN B 199 21.23 -16.67 -0.19
CA ASN B 199 20.30 -17.23 -1.19
C ASN B 199 19.72 -16.08 -2.02
N PRO B 200 20.16 -15.93 -3.27
CA PRO B 200 19.68 -14.85 -4.11
C PRO B 200 18.15 -14.71 -4.14
N PHE B 201 17.42 -15.82 -4.11
CA PHE B 201 15.93 -15.73 -4.09
C PHE B 201 15.36 -15.18 -2.79
N HIS B 202 16.05 -15.44 -1.69
CA HIS B 202 15.74 -14.80 -0.44
C HIS B 202 15.90 -13.27 -0.53
N GLY B 203 16.98 -12.83 -1.18
CA GLY B 203 17.25 -11.39 -1.34
C GLY B 203 16.20 -10.70 -2.18
N LEU B 204 15.69 -11.39 -3.20
CA LEU B 204 14.57 -10.90 -3.99
C LEU B 204 13.27 -10.88 -3.17
N SER B 205 13.02 -11.99 -2.54
CA SER B 205 11.89 -12.06 -1.71
C SER B 205 11.88 -10.82 -0.76
N ILE B 206 13.00 -10.53 -0.17
CA ILE B 206 13.05 -9.37 0.72
C ILE B 206 12.74 -8.08 -0.04
N ALA B 207 13.35 -7.97 -1.22
CA ALA B 207 13.17 -6.74 -2.01
C ALA B 207 11.68 -6.46 -2.27
N PHE B 208 10.93 -7.51 -2.59
CA PHE B 208 9.50 -7.40 -2.90
C PHE B 208 8.61 -7.15 -1.65
N LEU B 209 8.99 -7.77 -0.53
CA LEU B 209 8.33 -7.50 0.71
C LEU B 209 8.51 -6.05 1.08
N TYR B 210 9.74 -5.60 1.09
CA TYR B 210 9.98 -4.20 1.41
C TYR B 210 9.29 -3.34 0.33
N GLY B 211 9.46 -3.74 -0.93
CA GLY B 211 8.83 -3.05 -2.06
C GLY B 211 7.32 -2.98 -1.92
N SER B 212 6.71 -4.08 -1.45
CA SER B 212 5.29 -4.14 -1.21
C SER B 212 4.85 -3.09 -0.20
N ALA B 213 5.64 -2.90 0.83
CA ALA B 213 5.34 -1.91 1.83
C ALA B 213 5.52 -0.47 1.26
N ALA B 214 6.60 -0.24 0.55
CA ALA B 214 6.73 1.08 -0.11
C ALA B 214 5.56 1.35 -1.11
N LEU B 215 5.27 0.41 -1.99
CA LEU B 215 4.20 0.59 -2.94
C LEU B 215 2.84 0.79 -2.31
N PHE B 216 2.55 0.09 -1.22
CA PHE B 216 1.22 0.25 -0.71
C PHE B 216 1.17 1.57 0.00
N ALA B 217 2.28 2.00 0.55
CA ALA B 217 2.32 3.29 1.23
C ALA B 217 2.19 4.40 0.21
N MET B 218 3.05 4.40 -0.79
CA MET B 218 2.84 5.27 -1.95
C MET B 218 1.39 5.24 -2.49
N HIS B 219 0.86 4.05 -2.78
CA HIS B 219 -0.40 3.99 -3.49
C HIS B 219 -1.47 4.51 -2.60
N GLY B 220 -1.48 4.09 -1.34
CA GLY B 220 -2.59 4.42 -0.46
C GLY B 220 -2.56 5.88 -0.15
N ALA B 221 -1.36 6.37 0.13
CA ALA B 221 -1.14 7.77 0.38
C ALA B 221 -1.62 8.58 -0.82
N THR B 222 -1.33 8.05 -2.00
CA THR B 222 -1.59 8.80 -3.21
C THR B 222 -3.07 8.92 -3.38
N ILE B 223 -3.78 7.78 -3.31
CA ILE B 223 -5.23 7.81 -3.44
C ILE B 223 -5.91 8.70 -2.42
N LEU B 224 -5.42 8.71 -1.19
CA LEU B 224 -5.99 9.57 -0.18
C LEU B 224 -5.76 11.02 -0.52
N ALA B 225 -4.57 11.35 -0.99
CA ALA B 225 -4.28 12.76 -1.40
C ALA B 225 -5.13 13.23 -2.56
N VAL B 226 -5.63 12.31 -3.39
CA VAL B 226 -6.55 12.72 -4.45
C VAL B 226 -7.98 12.26 -4.21
N SER B 227 -8.29 11.92 -2.96
CA SER B 227 -9.66 11.49 -2.67
C SER B 227 -10.59 12.73 -2.59
N ARG B 228 -10.05 13.92 -2.36
CA ARG B 228 -10.84 15.14 -2.50
C ARG B 228 -11.29 15.36 -3.94
N PHE B 229 -10.82 14.50 -4.88
CA PHE B 229 -11.25 14.55 -6.32
C PHE B 229 -11.90 13.25 -6.73
N GLY B 230 -12.31 12.45 -5.77
CA GLY B 230 -12.80 11.12 -6.06
C GLY B 230 -11.86 10.01 -6.45
N GLY B 231 -10.58 10.14 -6.14
CA GLY B 231 -9.62 9.13 -6.55
C GLY B 231 -9.86 7.67 -6.20
N GLU B 232 -10.56 7.39 -5.09
CA GLU B 232 -10.73 6.01 -4.62
C GLU B 232 -11.75 5.23 -5.48
N ARG B 233 -12.48 5.99 -6.31
CA ARG B 233 -13.36 5.42 -7.32
C ARG B 233 -12.59 5.01 -8.50
N GLU B 234 -11.77 4.01 -8.26
CA GLU B 234 -10.74 3.61 -9.21
C GLU B 234 -11.27 3.08 -10.51
N LEU B 235 -12.30 2.26 -10.47
CA LEU B 235 -12.79 1.61 -11.69
C LEU B 235 -13.37 2.61 -12.69
N GLU B 236 -14.10 3.65 -12.22
CA GLU B 236 -14.57 4.76 -13.08
C GLU B 236 -13.46 5.71 -13.49
N GLN B 237 -12.41 5.83 -12.69
CA GLN B 237 -11.28 6.61 -13.15
C GLN B 237 -10.54 5.87 -14.29
N ILE B 238 -10.64 4.54 -14.29
CA ILE B 238 -10.05 3.75 -15.35
C ILE B 238 -10.87 3.90 -16.61
N ALA B 239 -12.19 3.95 -16.47
CA ALA B 239 -13.09 4.00 -17.62
C ALA B 239 -13.22 5.41 -18.20
N ASP B 240 -13.05 6.44 -17.36
CA ASP B 240 -13.11 7.84 -17.75
C ASP B 240 -12.14 8.67 -16.84
N ARG B 241 -10.87 8.74 -17.22
CA ARG B 241 -9.90 9.49 -16.49
C ARG B 241 -10.38 10.88 -16.02
N GLY B 242 -10.24 11.16 -14.71
CA GLY B 242 -10.58 12.47 -14.19
C GLY B 242 -9.38 13.16 -13.61
N THR B 243 -9.59 14.31 -12.99
CA THR B 243 -8.40 15.05 -12.50
C THR B 243 -7.67 14.36 -11.30
N ALA B 244 -8.36 13.44 -10.61
CA ALA B 244 -7.75 12.69 -9.53
C ALA B 244 -6.61 11.89 -10.09
N ALA B 245 -6.90 11.11 -11.14
CA ALA B 245 -5.91 10.22 -11.78
C ALA B 245 -4.78 11.02 -12.42
N GLU B 246 -5.12 12.20 -12.96
CA GLU B 246 -4.08 13.02 -13.59
C GLU B 246 -3.13 13.65 -12.57
N ARG B 247 -3.66 14.16 -11.46
CA ARG B 247 -2.81 14.73 -10.47
C ARG B 247 -1.94 13.65 -9.76
N ALA B 248 -2.49 12.44 -9.65
CA ALA B 248 -1.72 11.32 -9.15
C ALA B 248 -0.50 11.06 -10.02
N ALA B 249 -0.77 10.83 -11.29
CA ALA B 249 0.25 10.55 -12.27
C ALA B 249 1.31 11.66 -12.23
N LEU B 250 0.86 12.89 -12.12
CA LEU B 250 1.77 13.96 -12.28
C LEU B 250 2.56 14.18 -11.04
N PHE B 251 1.98 13.94 -9.86
CA PHE B 251 2.79 13.93 -8.66
C PHE B 251 4.04 13.07 -8.88
N TRP B 252 3.84 11.88 -9.39
CA TRP B 252 4.93 10.96 -9.51
C TRP B 252 5.83 11.28 -10.67
N ARG B 253 5.28 11.76 -11.79
CA ARG B 253 6.09 12.11 -12.90
C ARG B 253 7.05 13.19 -12.44
N TRP B 254 6.50 14.19 -11.75
CA TRP B 254 7.31 15.32 -11.39
C TRP B 254 8.33 14.94 -10.31
N THR B 255 7.95 13.96 -9.50
CA THR B 255 8.81 13.53 -8.43
C THR B 255 9.94 12.65 -8.96
N MET B 256 9.64 11.55 -9.65
CA MET B 256 10.68 10.58 -10.02
C MET B 256 10.78 10.34 -11.50
N GLY B 257 10.08 11.17 -12.27
CA GLY B 257 10.26 11.15 -13.72
C GLY B 257 9.51 10.06 -14.46
N PHE B 258 8.64 9.35 -13.81
CA PHE B 258 7.72 8.52 -14.57
C PHE B 258 6.57 8.21 -13.66
N ASN B 259 5.59 7.49 -14.17
CA ASN B 259 4.35 7.36 -13.44
C ASN B 259 3.51 6.23 -13.99
N ALA B 260 2.34 6.04 -13.41
CA ALA B 260 1.46 4.93 -13.76
C ALA B 260 0.11 5.45 -14.28
N THR B 261 -0.77 4.47 -14.50
CA THR B 261 -2.14 4.75 -14.77
C THR B 261 -2.95 4.16 -13.65
N MET B 262 -4.19 4.59 -13.58
CA MET B 262 -5.09 4.12 -12.55
C MET B 262 -5.31 2.58 -12.63
N GLU B 263 -5.16 2.00 -13.81
CA GLU B 263 -5.25 0.57 -13.90
C GLU B 263 -3.89 -0.04 -13.63
N GLY B 264 -2.88 0.51 -14.29
CA GLY B 264 -1.55 -0.06 -14.28
C GLY B 264 -0.95 -0.16 -12.90
N ILE B 265 -1.26 0.80 -12.03
CA ILE B 265 -0.71 0.74 -10.70
C ILE B 265 -1.10 -0.55 -10.02
N HIS B 266 -2.31 -1.01 -10.29
CA HIS B 266 -2.78 -2.26 -9.69
C HIS B 266 -2.07 -3.45 -10.22
N ARG B 267 -1.46 -3.35 -11.38
CA ARG B 267 -0.62 -4.44 -11.90
C ARG B 267 0.76 -4.46 -11.22
N TRP B 268 1.38 -3.30 -11.11
CA TRP B 268 2.55 -3.16 -10.27
C TRP B 268 2.27 -3.73 -8.88
N ALA B 269 1.08 -3.46 -8.36
CA ALA B 269 0.78 -3.94 -7.01
C ALA B 269 0.56 -5.45 -6.98
N ILE B 270 -0.25 -6.01 -7.85
CA ILE B 270 -0.37 -7.45 -7.79
C ILE B 270 1.00 -8.12 -7.96
N TRP B 271 1.82 -7.68 -8.86
CA TRP B 271 3.06 -8.41 -9.08
C TRP B 271 4.09 -8.20 -7.95
N MET B 272 4.16 -6.99 -7.41
CA MET B 272 5.08 -6.72 -6.31
C MET B 272 4.77 -7.66 -5.17
N ALA B 273 3.48 -7.76 -4.81
CA ALA B 273 3.05 -8.67 -3.77
C ALA B 273 3.31 -10.13 -4.12
N VAL B 274 2.96 -10.55 -5.33
CA VAL B 274 3.04 -12.01 -5.55
C VAL B 274 4.45 -12.51 -5.72
N LEU B 275 5.36 -11.62 -6.14
CA LEU B 275 6.78 -12.00 -6.28
C LEU B 275 7.47 -12.31 -4.97
N VAL B 276 6.95 -11.80 -3.88
CA VAL B 276 7.44 -12.17 -2.54
C VAL B 276 7.41 -13.69 -2.35
N THR B 277 6.23 -14.28 -2.45
CA THR B 277 6.10 -15.71 -2.19
C THR B 277 6.53 -16.56 -3.37
N LEU B 278 6.60 -15.93 -4.52
CA LEU B 278 6.96 -16.62 -5.75
C LEU B 278 8.46 -16.91 -5.68
N THR B 279 9.27 -15.85 -5.60
CA THR B 279 10.73 -15.99 -5.39
C THR B 279 11.07 -16.80 -4.14
N GLY B 280 10.29 -16.59 -3.07
CA GLY B 280 10.53 -17.22 -1.79
C GLY B 280 10.39 -18.72 -1.92
N GLY B 281 9.31 -19.16 -2.52
CA GLY B 281 9.08 -20.61 -2.64
C GLY B 281 10.19 -21.32 -3.37
N ILE B 282 10.69 -20.71 -4.43
CA ILE B 282 11.81 -21.24 -5.19
C ILE B 282 13.11 -21.29 -4.36
N GLY B 283 13.40 -20.24 -3.65
CA GLY B 283 14.60 -20.19 -2.86
C GLY B 283 14.63 -21.34 -1.86
N ILE B 284 13.53 -21.44 -1.13
CA ILE B 284 13.29 -22.57 -0.23
C ILE B 284 13.31 -23.92 -0.91
N LEU B 285 12.78 -24.07 -2.11
CA LEU B 285 12.60 -25.41 -2.67
C LEU B 285 13.95 -25.95 -3.11
N LEU B 286 14.78 -25.04 -3.59
CA LEU B 286 16.16 -25.32 -3.95
C LEU B 286 17.04 -25.65 -2.77
N SER B 287 16.62 -25.25 -1.56
CA SER B 287 17.49 -25.36 -0.38
C SER B 287 17.46 -26.79 0.13
N GLY B 288 18.63 -27.45 0.09
CA GLY B 288 18.81 -28.82 0.51
C GLY B 288 18.54 -29.85 -0.57
N THR B 289 17.74 -29.47 -1.56
CA THR B 289 17.44 -30.37 -2.65
C THR B 289 18.55 -30.23 -3.67
N VAL B 290 18.90 -28.99 -4.02
CA VAL B 290 19.94 -28.72 -5.00
C VAL B 290 21.11 -28.05 -4.36
N VAL B 291 20.90 -27.18 -3.38
CA VAL B 291 21.98 -26.38 -2.75
C VAL B 291 22.05 -26.67 -1.24
N ASP B 292 23.20 -27.16 -0.75
CA ASP B 292 23.30 -27.57 0.65
C ASP B 292 23.74 -26.42 1.47
N ASN B 293 24.27 -25.38 0.82
CA ASN B 293 24.88 -24.25 1.51
C ASN B 293 24.99 -23.03 0.60
N TRP B 294 24.15 -22.04 0.84
CA TRP B 294 24.13 -20.87 -0.03
C TRP B 294 25.44 -20.05 0.02
N TYR B 295 26.15 -20.02 1.13
CA TYR B 295 27.45 -19.30 1.11
C TYR B 295 28.36 -19.95 0.11
N VAL B 296 28.39 -21.28 0.14
CA VAL B 296 29.28 -22.06 -0.72
C VAL B 296 28.86 -21.95 -2.15
N TRP B 297 27.60 -22.24 -2.43
CA TRP B 297 27.00 -21.88 -3.71
C TRP B 297 27.41 -20.47 -4.18
N GLY B 298 27.20 -19.48 -3.34
CA GLY B 298 27.54 -18.13 -3.69
C GLY B 298 29.00 -17.99 -4.02
N GLN B 299 29.88 -18.77 -3.42
CA GLN B 299 31.31 -18.62 -3.73
C GLN B 299 31.65 -19.05 -5.12
N ASN B 300 30.79 -19.83 -5.75
CA ASN B 300 30.99 -20.20 -7.15
C ASN B 300 30.14 -19.44 -8.17
N HIS B 301 29.84 -18.17 -7.84
CA HIS B 301 28.68 -17.32 -8.35
C HIS B 301 27.45 -18.14 -8.76
N GLY B 302 27.72 -19.41 -9.14
CA GLY B 302 26.83 -20.61 -9.03
C GLY B 302 27.47 -21.91 -9.53
N ASP C 17 24.54 -25.57 -12.97
CA ASP C 17 23.61 -26.11 -11.97
C ASP C 17 22.25 -25.39 -11.96
N LEU C 18 21.28 -26.07 -11.35
CA LEU C 18 19.86 -25.72 -11.39
C LEU C 18 19.56 -24.34 -10.81
N ALA C 19 20.32 -23.93 -9.78
CA ALA C 19 20.09 -22.69 -9.04
C ALA C 19 20.55 -21.52 -9.90
N SER C 20 21.69 -21.71 -10.57
CA SER C 20 22.19 -20.75 -11.53
C SER C 20 21.20 -20.50 -12.62
N LEU C 21 20.67 -21.59 -13.17
CA LEU C 21 19.76 -21.54 -14.27
C LEU C 21 18.52 -20.83 -13.71
N ALA C 22 17.99 -21.31 -12.58
CA ALA C 22 16.76 -20.74 -12.01
C ALA C 22 16.89 -19.22 -11.85
N ILE C 23 18.01 -18.80 -11.27
CA ILE C 23 18.19 -17.39 -10.96
C ILE C 23 18.41 -16.56 -12.22
N TYR C 24 19.12 -17.12 -13.19
CA TYR C 24 19.41 -16.42 -14.45
C TYR C 24 18.08 -16.18 -15.20
N SER C 25 17.29 -17.23 -15.28
CA SER C 25 15.97 -17.21 -15.87
C SER C 25 15.09 -16.16 -15.23
N PHE C 26 15.14 -16.10 -13.90
CA PHE C 26 14.29 -15.21 -13.18
C PHE C 26 14.57 -13.74 -13.47
N TRP C 27 15.84 -13.34 -13.54
CA TRP C 27 16.18 -12.00 -14.02
C TRP C 27 15.67 -11.71 -15.40
N ILE C 28 15.54 -12.73 -16.22
CA ILE C 28 15.10 -12.54 -17.58
C ILE C 28 13.60 -12.30 -17.55
N PHE C 29 12.90 -13.15 -16.83
CA PHE C 29 11.50 -12.96 -16.63
C PHE C 29 11.23 -11.57 -16.05
N LEU C 30 12.05 -11.15 -15.12
CA LEU C 30 11.79 -9.93 -14.41
C LEU C 30 11.95 -8.70 -15.33
N ALA C 31 12.77 -8.83 -16.36
CA ALA C 31 12.94 -7.71 -17.27
C ALA C 31 11.75 -7.65 -18.19
N GLY C 32 11.25 -8.82 -18.63
CA GLY C 32 10.03 -8.91 -19.40
C GLY C 32 8.84 -8.33 -18.66
N LEU C 33 8.73 -8.64 -17.39
CA LEU C 33 7.67 -8.13 -16.55
C LEU C 33 7.72 -6.59 -16.48
N ILE C 34 8.90 -6.06 -16.21
CA ILE C 34 9.03 -4.62 -16.10
C ILE C 34 8.62 -3.93 -17.41
N TYR C 35 8.91 -4.57 -18.53
CA TYR C 35 8.50 -4.10 -19.81
C TYR C 35 6.96 -4.16 -19.98
N TYR C 36 6.37 -5.30 -19.68
CA TYR C 36 4.91 -5.36 -19.71
C TYR C 36 4.30 -4.27 -18.78
N LEU C 37 4.87 -4.09 -17.61
CA LEU C 37 4.27 -3.21 -16.63
C LEU C 37 4.43 -1.78 -17.06
N GLN C 38 5.65 -1.40 -17.42
CA GLN C 38 5.86 -0.09 -17.96
C GLN C 38 4.99 0.29 -19.18
N THR C 39 4.90 -0.61 -20.15
CA THR C 39 4.11 -0.35 -21.31
C THR C 39 2.62 -0.27 -20.96
N GLU C 40 2.11 -1.19 -20.13
CA GLU C 40 0.69 -1.11 -19.70
C GLU C 40 0.35 0.26 -19.11
N ASN C 41 1.34 0.87 -18.48
CA ASN C 41 1.12 2.12 -17.84
C ASN C 41 1.29 3.27 -18.77
N MET C 42 1.43 3.00 -20.08
CA MET C 42 1.42 4.04 -21.10
C MET C 42 0.10 4.04 -21.90
N ARG C 43 -0.94 3.42 -21.33
CA ARG C 43 -2.25 3.47 -21.98
C ARG C 43 -2.96 4.80 -21.83
N GLU C 44 -2.37 5.79 -21.14
CA GLU C 44 -2.97 7.11 -20.99
C GLU C 44 -1.85 8.13 -20.99
N GLY C 45 -2.07 9.27 -21.65
CA GLY C 45 -1.15 10.39 -21.60
C GLY C 45 -0.11 10.39 -22.65
N TYR C 46 0.05 9.24 -23.32
CA TYR C 46 1.04 9.06 -24.38
C TYR C 46 0.27 9.10 -25.68
N PRO C 47 0.94 9.59 -26.75
CA PRO C 47 2.31 10.05 -26.84
C PRO C 47 2.59 11.30 -26.05
N LEU C 48 3.81 11.38 -25.55
CA LEU C 48 4.31 12.61 -25.03
C LEU C 48 4.26 13.73 -26.10
N GLU C 49 4.00 14.93 -25.62
CA GLU C 49 3.77 16.09 -26.41
C GLU C 49 4.77 17.19 -26.03
N ASN C 50 4.99 18.16 -26.93
CA ASN C 50 5.60 19.43 -26.54
C ASN C 50 4.56 20.34 -25.93
N GLU C 51 5.00 21.44 -25.34
CA GLU C 51 4.13 22.40 -24.62
C GLU C 51 3.03 23.03 -25.52
N ASP C 52 3.14 22.89 -26.84
CA ASP C 52 2.12 23.43 -27.76
C ASP C 52 1.14 22.37 -28.24
N GLY C 53 1.25 21.16 -27.75
CA GLY C 53 0.32 20.10 -28.15
C GLY C 53 0.81 19.09 -29.14
N THR C 54 1.89 19.37 -29.83
CA THR C 54 2.37 18.49 -30.94
C THR C 54 3.19 17.35 -30.37
N PRO C 55 3.36 16.25 -31.10
CA PRO C 55 4.10 15.08 -30.49
C PRO C 55 5.54 15.38 -30.25
N ALA C 56 6.10 14.96 -29.12
CA ALA C 56 7.52 15.24 -28.82
C ALA C 56 8.39 14.32 -29.67
N ALA C 57 9.60 14.82 -29.91
CA ALA C 57 10.60 14.11 -30.71
C ALA C 57 10.93 12.83 -30.01
N ASN C 58 11.37 12.95 -28.76
CA ASN C 58 11.72 11.80 -27.94
C ASN C 58 10.55 11.26 -27.04
N GLN C 59 10.07 10.08 -27.41
CA GLN C 59 9.06 9.34 -26.66
C GLN C 59 9.67 8.29 -25.69
N GLY C 60 10.98 8.13 -25.67
CA GLY C 60 11.56 7.05 -24.84
C GLY C 60 11.70 5.68 -25.48
N PRO C 61 12.32 4.76 -24.75
CA PRO C 61 12.62 3.48 -25.33
C PRO C 61 11.46 2.50 -25.35
N PHE C 62 10.39 2.72 -24.59
CA PHE C 62 9.23 1.77 -24.62
C PHE C 62 8.20 2.22 -25.66
N PRO C 63 7.73 1.33 -26.51
CA PRO C 63 6.67 1.67 -27.44
C PRO C 63 5.28 1.68 -26.74
N LEU C 64 4.26 2.21 -27.42
CA LEU C 64 2.87 2.13 -26.96
C LEU C 64 2.38 0.70 -27.10
N PRO C 65 1.61 0.19 -26.15
CA PRO C 65 1.13 -1.19 -26.31
C PRO C 65 -0.05 -1.28 -27.27
N LYS C 66 -0.32 -2.51 -27.75
CA LYS C 66 -1.53 -2.81 -28.56
C LYS C 66 -2.75 -2.44 -27.75
N PRO C 67 -3.73 -1.79 -28.38
CA PRO C 67 -4.91 -1.28 -27.67
C PRO C 67 -5.69 -2.35 -26.95
N LYS C 68 -6.27 -1.95 -25.83
CA LYS C 68 -7.22 -2.80 -25.17
C LYS C 68 -8.55 -2.06 -25.08
N THR C 69 -9.62 -2.85 -24.94
CA THR C 69 -10.93 -2.35 -24.95
C THR C 69 -11.77 -2.83 -23.77
N PHE C 70 -12.17 -1.82 -23.00
CA PHE C 70 -13.06 -1.96 -21.86
C PHE C 70 -14.45 -1.85 -22.37
N ILE C 71 -15.28 -2.84 -22.09
CA ILE C 71 -16.72 -2.71 -22.34
C ILE C 71 -17.39 -2.12 -21.09
N LEU C 72 -18.09 -1.03 -21.27
CA LEU C 72 -18.72 -0.35 -20.15
C LEU C 72 -20.18 -0.77 -19.95
N PRO C 73 -20.61 -0.82 -18.69
CA PRO C 73 -21.96 -1.28 -18.41
C PRO C 73 -22.96 -0.25 -18.78
N HIS C 74 -24.24 -0.66 -18.83
CA HIS C 74 -25.39 0.26 -18.98
C HIS C 74 -25.42 1.01 -20.30
N GLY C 75 -24.95 0.36 -21.39
CA GLY C 75 -24.83 0.96 -22.72
C GLY C 75 -23.94 2.18 -22.86
N ARG C 76 -23.03 2.40 -21.94
CA ARG C 76 -22.14 3.55 -22.05
C ARG C 76 -21.04 3.34 -23.12
N GLY C 77 -20.98 2.16 -23.75
CA GLY C 77 -20.03 1.94 -24.84
C GLY C 77 -18.72 1.34 -24.39
N THR C 78 -17.65 1.71 -25.07
CA THR C 78 -16.35 1.21 -24.76
C THR C 78 -15.30 2.27 -24.50
N LEU C 79 -14.16 1.84 -23.98
CA LEU C 79 -13.00 2.71 -23.90
C LEU C 79 -11.87 1.87 -24.45
N THR C 80 -11.08 2.49 -25.31
CA THR C 80 -10.00 1.82 -25.98
C THR C 80 -8.75 2.65 -25.78
N VAL C 81 -7.76 2.07 -25.12
CA VAL C 81 -6.53 2.78 -24.77
C VAL C 81 -5.41 1.82 -25.14
N PRO C 82 -4.32 2.37 -25.68
CA PRO C 82 -4.19 3.79 -26.00
C PRO C 82 -5.05 4.16 -27.18
N GLY C 83 -5.33 5.46 -27.28
CA GLY C 83 -6.05 6.09 -28.37
C GLY C 83 -5.82 7.59 -28.44
N PRO C 84 -6.39 8.27 -29.46
CA PRO C 84 -6.25 9.74 -29.60
C PRO C 84 -6.57 10.50 -28.30
N GLU C 85 -5.61 11.30 -27.91
CA GLU C 85 -5.66 12.02 -26.66
C GLU C 85 -6.06 13.49 -26.94
N SER C 86 -6.81 14.12 -26.06
CA SER C 86 -6.92 15.53 -26.14
C SER C 86 -7.84 16.05 -25.06
N GLU C 87 -7.51 17.24 -24.60
CA GLU C 87 -8.17 17.88 -23.48
C GLU C 87 -9.68 18.09 -23.60
N ASP C 88 -10.18 18.12 -24.84
CA ASP C 88 -11.53 18.49 -25.20
C ASP C 88 -12.05 19.63 -24.41
N ARG C 89 -11.20 20.67 -24.28
CA ARG C 89 -11.54 21.90 -23.56
C ARG C 89 -10.47 22.99 -23.78
N PRO C 90 -10.86 24.25 -23.70
CA PRO C 90 -9.80 25.32 -23.72
C PRO C 90 -8.94 25.36 -22.46
N ILE C 91 -7.78 25.96 -22.59
CA ILE C 91 -6.81 25.99 -21.54
C ILE C 91 -6.25 27.39 -21.43
N ALA C 92 -6.80 28.22 -20.56
CA ALA C 92 -6.37 29.60 -20.41
C ALA C 92 -5.02 29.75 -19.71
N LEU C 93 -3.96 29.37 -20.41
CA LEU C 93 -2.60 29.54 -19.90
C LEU C 93 -1.67 30.07 -21.00
N ALA C 94 -0.56 30.69 -20.62
CA ALA C 94 0.46 31.02 -21.63
C ALA C 94 1.85 30.91 -21.07
N ARG C 95 2.79 30.68 -21.98
CA ARG C 95 4.18 30.58 -21.62
C ARG C 95 4.65 31.82 -20.92
N THR C 96 5.59 31.66 -20.00
CA THR C 96 6.21 32.79 -19.36
C THR C 96 7.70 32.82 -19.72
N ALA C 97 8.14 32.05 -20.72
CA ALA C 97 9.53 31.97 -21.10
C ALA C 97 9.69 31.43 -22.49
N VAL C 98 10.88 31.63 -23.06
CA VAL C 98 11.13 31.33 -24.46
C VAL C 98 11.62 29.92 -24.74
N SER C 99 11.85 29.12 -23.71
CA SER C 99 12.16 27.66 -23.88
C SER C 99 11.32 26.72 -22.99
N GLU C 100 11.32 25.42 -23.34
CA GLU C 100 10.57 24.34 -22.62
C GLU C 100 10.93 24.42 -21.11
N GLY C 101 9.99 24.10 -20.23
CA GLY C 101 10.33 23.74 -18.84
C GLY C 101 9.90 24.68 -17.75
N PHE C 102 9.25 25.78 -18.13
CA PHE C 102 8.87 26.83 -17.21
C PHE C 102 7.40 26.90 -17.04
N PRO C 103 6.96 27.54 -15.98
CA PRO C 103 5.55 27.58 -15.66
C PRO C 103 4.77 28.34 -16.71
N HIS C 104 3.52 27.93 -16.85
CA HIS C 104 2.60 28.61 -17.76
C HIS C 104 1.60 29.46 -16.99
N ALA C 105 1.55 30.75 -17.27
CA ALA C 105 0.75 31.71 -16.46
C ALA C 105 -0.73 31.69 -16.84
N PRO C 106 -1.58 31.67 -15.85
CA PRO C 106 -3.01 31.82 -16.17
C PRO C 106 -3.30 33.12 -16.92
N THR C 107 -4.04 33.06 -18.01
CA THR C 107 -4.37 34.26 -18.80
C THR C 107 -5.58 34.97 -18.28
N GLY C 108 -6.22 34.44 -17.25
CA GLY C 108 -7.47 34.99 -16.73
C GLY C 108 -7.47 34.68 -15.26
N ASP C 109 -8.67 34.37 -14.72
CA ASP C 109 -8.83 33.92 -13.35
C ASP C 109 -8.75 32.39 -13.35
N PRO C 110 -7.68 31.85 -12.71
CA PRO C 110 -7.41 30.45 -12.90
C PRO C 110 -8.43 29.58 -12.16
N MET C 111 -9.06 30.16 -11.15
CA MET C 111 -10.25 29.53 -10.52
C MET C 111 -11.40 29.42 -11.53
N LYS C 112 -11.82 30.56 -12.10
CA LYS C 112 -12.89 30.52 -13.11
C LYS C 112 -12.54 29.72 -14.33
N ASP C 113 -11.28 29.69 -14.72
CA ASP C 113 -10.86 29.06 -15.99
C ASP C 113 -10.45 27.62 -15.86
N GLY C 114 -10.47 27.14 -14.63
CA GLY C 114 -10.23 25.73 -14.38
C GLY C 114 -8.83 25.28 -14.75
N VAL C 115 -7.82 26.09 -14.38
CA VAL C 115 -6.42 25.68 -14.59
C VAL C 115 -5.66 25.60 -13.33
N GLY C 116 -4.49 25.04 -13.40
CA GLY C 116 -3.66 24.93 -12.22
C GLY C 116 -4.25 23.95 -11.26
N PRO C 117 -4.11 24.19 -9.95
CA PRO C 117 -4.78 23.32 -9.00
C PRO C 117 -6.30 23.44 -9.03
N ALA C 118 -6.82 24.37 -9.82
CA ALA C 118 -8.28 24.44 -10.03
C ALA C 118 -8.74 23.67 -11.26
N SER C 119 -7.87 22.82 -11.78
CA SER C 119 -8.07 22.08 -13.04
C SER C 119 -9.18 21.03 -13.00
N TRP C 120 -9.87 20.83 -14.14
CA TRP C 120 -10.84 19.76 -14.29
C TRP C 120 -10.61 19.03 -15.58
N VAL C 121 -11.06 17.79 -15.62
CA VAL C 121 -11.04 17.04 -16.83
C VAL C 121 -12.43 17.02 -17.43
N ALA C 122 -12.46 17.14 -18.75
CA ALA C 122 -13.67 16.93 -19.58
C ALA C 122 -14.12 15.43 -19.56
N ARG C 123 -14.50 14.95 -18.39
CA ARG C 123 -15.12 13.67 -18.27
C ARG C 123 -16.55 13.77 -18.83
N ARG C 124 -17.16 12.62 -18.94
CA ARG C 124 -18.47 12.47 -19.48
C ARG C 124 -19.45 13.21 -18.57
N ASP C 125 -20.39 13.89 -19.20
CA ASP C 125 -21.44 14.63 -18.54
C ASP C 125 -22.63 13.73 -18.30
N LEU C 126 -22.34 12.58 -17.67
CA LEU C 126 -23.34 11.78 -17.01
C LEU C 126 -22.89 11.35 -15.61
N PRO C 127 -23.82 10.78 -14.84
CA PRO C 127 -23.49 10.35 -13.47
C PRO C 127 -22.83 8.95 -13.39
N GLU C 128 -21.99 8.72 -12.42
CA GLU C 128 -21.55 7.38 -12.17
C GLU C 128 -22.80 6.58 -11.78
N LEU C 129 -22.96 5.39 -12.37
CA LEU C 129 -24.09 4.52 -12.03
C LEU C 129 -23.62 3.41 -11.16
N ASP C 130 -24.50 2.87 -10.33
CA ASP C 130 -24.16 1.69 -9.54
C ASP C 130 -24.32 0.46 -10.37
N GLY C 131 -24.20 -0.69 -9.72
CA GLY C 131 -24.20 -1.93 -10.42
C GLY C 131 -25.56 -2.27 -10.95
N HIS C 132 -26.57 -1.54 -10.49
CA HIS C 132 -27.94 -1.74 -10.96
C HIS C 132 -28.31 -0.73 -12.01
N GLY C 133 -27.43 0.18 -12.38
CA GLY C 133 -27.80 1.18 -13.37
C GLY C 133 -28.42 2.42 -12.77
N HIS C 134 -28.41 2.53 -11.43
CA HIS C 134 -28.88 3.71 -10.75
C HIS C 134 -27.76 4.67 -10.37
N ASN C 135 -28.10 5.96 -10.39
CA ASN C 135 -27.20 6.97 -9.91
C ASN C 135 -26.55 6.64 -8.60
N LYS C 136 -25.22 6.60 -8.61
CA LYS C 136 -24.42 6.18 -7.50
C LYS C 136 -24.49 7.16 -6.39
N ILE C 137 -24.67 8.43 -6.71
CA ILE C 137 -24.64 9.49 -5.67
C ILE C 137 -25.95 10.27 -5.72
N LYS C 138 -26.64 10.34 -4.58
CA LYS C 138 -27.86 11.06 -4.52
C LYS C 138 -27.83 11.95 -3.31
N PRO C 139 -28.60 13.03 -3.32
CA PRO C 139 -28.77 13.71 -2.03
C PRO C 139 -29.46 12.78 -1.04
N MET C 140 -29.09 12.88 0.24
CA MET C 140 -29.58 11.94 1.23
C MET C 140 -31.10 11.99 1.22
N LYS C 141 -31.74 13.14 1.15
CA LYS C 141 -33.20 13.15 1.15
C LYS C 141 -33.88 12.28 0.08
N ALA C 142 -33.23 11.93 -1.02
CA ALA C 142 -33.82 11.10 -2.08
C ALA C 142 -33.34 9.67 -2.08
N ALA C 143 -32.56 9.34 -1.05
CA ALA C 143 -31.97 8.05 -0.86
C ALA C 143 -32.70 7.27 0.22
N ALA C 144 -33.68 6.46 -0.11
CA ALA C 144 -34.34 5.74 0.99
C ALA C 144 -33.48 4.60 1.52
N GLY C 145 -33.43 4.39 2.83
CA GLY C 145 -33.71 5.30 3.85
C GLY C 145 -32.34 5.33 4.53
N PHE C 146 -31.49 6.19 3.93
CA PHE C 146 -30.24 6.66 4.44
C PHE C 146 -30.42 7.75 5.47
N HIS C 147 -29.42 7.94 6.31
CA HIS C 147 -29.47 8.81 7.49
C HIS C 147 -28.07 8.76 8.06
N VAL C 148 -27.74 9.83 8.76
CA VAL C 148 -26.54 9.82 9.57
C VAL C 148 -26.56 8.73 10.66
N SER C 149 -25.55 7.86 10.69
CA SER C 149 -25.50 6.81 11.69
C SER C 149 -24.48 7.10 12.76
N ALA C 150 -23.54 8.00 12.54
CA ALA C 150 -22.61 8.35 13.60
C ALA C 150 -21.96 9.68 13.30
N GLY C 151 -21.28 10.22 14.29
CA GLY C 151 -20.63 11.51 14.11
C GLY C 151 -21.71 12.57 14.16
N LYS C 152 -21.27 13.82 14.11
CA LYS C 152 -22.11 14.99 14.24
C LYS C 152 -22.80 15.26 12.89
N ASN C 153 -24.13 15.36 12.91
CA ASN C 153 -24.88 15.66 11.71
C ASN C 153 -24.63 17.11 11.26
N PRO C 154 -24.00 17.28 10.10
CA PRO C 154 -23.71 18.62 9.66
C PRO C 154 -24.92 19.36 9.11
N ILE C 155 -25.99 18.65 8.79
CA ILE C 155 -27.18 19.29 8.24
C ILE C 155 -27.74 20.33 9.20
N GLY C 156 -27.84 21.57 8.72
CA GLY C 156 -28.20 22.71 9.55
C GLY C 156 -27.11 23.66 9.96
N LEU C 157 -25.87 23.20 9.95
CA LEU C 157 -24.77 24.08 10.44
C LEU C 157 -24.51 25.20 9.47
N PRO C 158 -24.11 26.35 10.00
CA PRO C 158 -23.53 27.34 9.09
C PRO C 158 -22.13 26.89 8.57
N VAL C 159 -21.77 27.38 7.39
CA VAL C 159 -20.55 27.03 6.70
C VAL C 159 -19.68 28.29 6.63
N ARG C 160 -18.48 28.16 7.17
CA ARG C 160 -17.54 29.26 7.32
C ARG C 160 -16.38 29.05 6.36
N GLY C 161 -15.98 30.12 5.67
CA GLY C 161 -14.80 30.06 4.79
C GLY C 161 -13.52 30.54 5.51
N CYS C 162 -12.43 30.54 4.76
CA CYS C 162 -11.08 30.77 5.32
C CYS C 162 -10.88 32.25 5.68
N ASP C 163 -11.68 33.15 5.09
CA ASP C 163 -11.85 34.54 5.64
C ASP C 163 -12.60 34.59 7.01
N LEU C 164 -13.09 33.46 7.52
CA LEU C 164 -13.83 33.40 8.77
C LEU C 164 -15.20 34.05 8.70
N GLU C 165 -15.73 34.12 7.48
CA GLU C 165 -17.11 34.61 7.22
C GLU C 165 -18.06 33.47 6.87
N ILE C 166 -19.33 33.64 7.28
CA ILE C 166 -20.33 32.64 7.04
C ILE C 166 -20.71 32.74 5.59
N ALA C 167 -20.62 31.61 4.88
CA ALA C 167 -20.91 31.61 3.45
C ALA C 167 -22.25 30.92 3.13
N GLY C 168 -22.87 30.24 4.09
CA GLY C 168 -24.15 29.58 3.81
C GLY C 168 -24.50 28.65 4.95
N LYS C 169 -25.34 27.68 4.63
CA LYS C 169 -25.66 26.62 5.54
C LYS C 169 -25.89 25.31 4.81
N VAL C 170 -25.60 24.25 5.54
CA VAL C 170 -25.68 22.93 5.00
C VAL C 170 -27.14 22.48 4.97
N VAL C 171 -27.63 22.11 3.81
CA VAL C 171 -28.99 21.62 3.69
C VAL C 171 -29.12 20.10 3.35
N ASP C 172 -28.03 19.42 3.00
CA ASP C 172 -28.11 17.96 2.87
C ASP C 172 -26.69 17.39 2.72
N ILE C 173 -26.58 16.10 2.88
CA ILE C 173 -25.40 15.35 2.54
C ILE C 173 -25.74 14.57 1.24
N TRP C 174 -24.87 14.58 0.27
CA TRP C 174 -25.00 13.65 -0.84
C TRP C 174 -24.13 12.39 -0.57
N VAL C 175 -24.70 11.25 -0.87
CA VAL C 175 -24.20 10.04 -0.38
C VAL C 175 -24.00 9.11 -1.54
N ASP C 176 -23.04 8.21 -1.36
CA ASP C 176 -22.71 7.22 -2.29
C ASP C 176 -23.52 6.03 -1.82
N ILE C 177 -24.53 5.61 -2.60
CA ILE C 177 -25.44 4.54 -2.15
C ILE C 177 -24.77 3.21 -1.95
N PRO C 178 -24.17 2.68 -2.99
CA PRO C 178 -23.56 1.34 -2.82
C PRO C 178 -22.47 1.19 -1.74
N GLU C 179 -21.65 2.22 -1.58
CA GLU C 179 -20.56 2.19 -0.59
C GLU C 179 -20.95 2.83 0.73
N GLN C 180 -22.11 3.50 0.77
CA GLN C 180 -22.70 4.05 2.00
C GLN C 180 -21.75 5.01 2.71
N MET C 181 -21.33 6.04 2.02
CA MET C 181 -20.49 7.03 2.62
C MET C 181 -20.85 8.41 2.12
N ALA C 182 -20.56 9.45 2.91
CA ALA C 182 -20.85 10.84 2.55
C ALA C 182 -19.87 11.38 1.51
N ARG C 183 -20.34 11.81 0.36
CA ARG C 183 -19.42 12.38 -0.61
C ARG C 183 -19.40 13.87 -0.70
N PHE C 184 -20.53 14.55 -0.48
CA PHE C 184 -20.60 16.01 -0.60
C PHE C 184 -21.57 16.52 0.45
N LEU C 185 -21.34 17.76 0.89
CA LEU C 185 -22.36 18.57 1.53
C LEU C 185 -22.96 19.54 0.51
N GLU C 186 -24.28 19.63 0.50
CA GLU C 186 -24.98 20.64 -0.25
C GLU C 186 -25.18 21.78 0.68
N VAL C 187 -24.70 22.94 0.24
CA VAL C 187 -24.74 24.22 0.97
C VAL C 187 -25.56 25.26 0.26
N GLU C 188 -26.32 26.02 1.03
CA GLU C 188 -27.23 27.01 0.46
C GLU C 188 -26.67 28.47 0.65
N LEU C 189 -26.67 29.25 -0.41
CA LEU C 189 -26.04 30.57 -0.37
C LEU C 189 -27.05 31.64 -0.08
N LYS C 190 -26.59 32.86 0.21
CA LYS C 190 -27.46 34.00 0.51
C LYS C 190 -28.59 33.99 -0.53
N ASP C 191 -28.31 33.68 -1.78
CA ASP C 191 -29.30 33.85 -2.85
C ASP C 191 -30.27 32.69 -3.01
N GLY C 192 -30.21 31.72 -2.10
CA GLY C 192 -31.09 30.56 -2.14
C GLY C 192 -30.68 29.39 -3.01
N SER C 193 -29.75 29.56 -3.95
CA SER C 193 -29.21 28.40 -4.69
C SER C 193 -28.24 27.60 -3.81
N THR C 194 -27.90 26.40 -4.24
CA THR C 194 -26.94 25.60 -3.51
C THR C 194 -25.69 25.30 -4.30
N ARG C 195 -24.70 24.82 -3.58
CA ARG C 195 -23.52 24.23 -4.22
C ARG C 195 -23.16 22.94 -3.52
N LEU C 196 -22.51 22.03 -4.23
CA LEU C 196 -21.88 20.91 -3.58
C LEU C 196 -20.45 21.26 -3.13
N LEU C 197 -20.10 20.82 -1.90
CA LEU C 197 -18.72 20.80 -1.39
C LEU C 197 -18.22 19.37 -1.17
N PRO C 198 -17.03 19.02 -1.71
CA PRO C 198 -16.51 17.66 -1.46
C PRO C 198 -16.35 17.40 0.02
N MET C 199 -16.77 16.23 0.47
CA MET C 199 -16.74 15.93 1.89
C MET C 199 -15.32 16.03 2.52
N GLN C 200 -14.34 15.81 1.68
CA GLN C 200 -12.96 15.71 2.08
C GLN C 200 -12.34 17.05 2.20
N MET C 201 -13.06 18.14 1.98
CA MET C 201 -12.50 19.50 2.03
C MET C 201 -13.18 20.42 3.05
N VAL C 202 -13.85 19.84 4.04
CA VAL C 202 -14.62 20.56 5.07
C VAL C 202 -14.27 19.94 6.41
N LYS C 203 -14.30 20.74 7.49
CA LYS C 203 -14.18 20.19 8.84
C LYS C 203 -15.54 20.41 9.52
N VAL C 204 -16.16 19.32 9.94
CA VAL C 204 -17.37 19.41 10.68
C VAL C 204 -17.01 19.62 12.15
N GLN C 205 -17.30 20.77 12.68
CA GLN C 205 -17.03 21.05 14.06
C GLN C 205 -18.34 21.05 14.79
N SER C 206 -18.30 21.29 16.10
CA SER C 206 -19.53 21.14 16.86
C SER C 206 -20.63 22.12 16.43
N ASN C 207 -20.26 23.35 16.02
CA ASN C 207 -21.24 24.44 15.80
C ASN C 207 -21.18 25.06 14.42
N ARG C 208 -20.52 24.38 13.50
CA ARG C 208 -20.29 24.95 12.16
C ARG C 208 -19.54 23.93 11.34
N VAL C 209 -19.50 24.16 10.03
CA VAL C 209 -18.63 23.44 9.11
C VAL C 209 -17.64 24.45 8.61
N HIS C 210 -16.35 24.16 8.72
CA HIS C 210 -15.31 25.10 8.27
C HIS C 210 -14.68 24.61 6.97
N VAL C 211 -14.43 25.55 6.06
CA VAL C 211 -13.89 25.22 4.75
C VAL C 211 -12.69 26.06 4.50
N ASN C 212 -11.55 25.44 4.69
CA ASN C 212 -10.32 26.15 4.59
C ASN C 212 -9.98 26.58 3.15
N ALA C 213 -10.34 25.76 2.17
CA ALA C 213 -10.02 26.04 0.77
C ALA C 213 -10.60 27.29 0.18
N LEU C 214 -11.71 27.78 0.71
CA LEU C 214 -12.48 28.85 0.08
C LEU C 214 -12.81 29.97 1.06
N SER C 215 -12.64 31.20 0.60
CA SER C 215 -13.08 32.32 1.34
C SER C 215 -14.57 32.50 1.00
N SER C 216 -15.33 33.18 1.83
CA SER C 216 -16.78 33.28 1.62
C SER C 216 -17.20 33.85 0.27
N ASP C 217 -16.49 34.83 -0.25
CA ASP C 217 -16.79 35.37 -1.59
C ASP C 217 -16.59 34.42 -2.75
N LEU C 218 -16.01 33.25 -2.56
CA LEU C 218 -15.79 32.39 -3.68
C LEU C 218 -16.75 31.26 -3.78
N PHE C 219 -17.68 31.15 -2.81
CA PHE C 219 -18.72 30.07 -2.85
C PHE C 219 -19.69 30.20 -4.00
N ALA C 220 -20.06 31.42 -4.35
CA ALA C 220 -20.89 31.66 -5.54
C ALA C 220 -20.22 31.13 -6.80
N GLY C 221 -18.90 31.07 -6.84
CA GLY C 221 -18.24 30.68 -8.08
C GLY C 221 -18.01 29.21 -8.18
N ILE C 222 -18.43 28.44 -7.17
CA ILE C 222 -18.44 26.98 -7.30
C ILE C 222 -19.30 26.61 -8.51
N PRO C 223 -18.73 25.87 -9.48
CA PRO C 223 -19.57 25.36 -10.54
C PRO C 223 -20.81 24.71 -9.96
N THR C 224 -21.91 24.87 -10.68
CA THR C 224 -23.27 24.53 -10.23
C THR C 224 -23.75 23.37 -11.03
N ILE C 225 -24.54 22.47 -10.46
CA ILE C 225 -25.00 21.24 -11.19
C ILE C 225 -26.26 21.56 -12.02
N LYS C 226 -26.49 20.89 -13.14
CA LYS C 226 -27.63 21.24 -13.99
CA LYS C 226 -27.62 21.20 -14.02
C LYS C 226 -28.93 20.60 -13.46
N SER C 227 -28.85 19.61 -12.58
CA SER C 227 -30.08 19.03 -11.98
C SER C 227 -29.94 18.99 -10.49
N PRO C 228 -30.95 19.46 -9.78
CA PRO C 228 -30.82 19.44 -8.34
C PRO C 228 -30.50 18.08 -7.76
N THR C 229 -30.84 16.97 -8.39
CA THR C 229 -30.76 15.68 -7.66
C THR C 229 -29.83 14.61 -8.27
N GLU C 230 -29.10 14.98 -9.29
CA GLU C 230 -28.00 14.20 -9.69
C GLU C 230 -26.80 15.07 -9.97
N VAL C 231 -25.63 14.43 -10.05
CA VAL C 231 -24.43 15.13 -10.39
C VAL C 231 -23.63 14.25 -11.35
N THR C 232 -23.02 14.86 -12.35
CA THR C 232 -22.32 14.11 -13.36
C THR C 232 -20.80 14.03 -13.11
N LEU C 233 -20.10 13.13 -13.77
CA LEU C 233 -18.65 13.11 -13.59
C LEU C 233 -17.99 14.43 -14.01
N LEU C 234 -18.48 15.03 -15.09
CA LEU C 234 -18.00 16.31 -15.48
C LEU C 234 -18.20 17.30 -14.36
N GLU C 235 -19.32 17.24 -13.68
CA GLU C 235 -19.55 18.36 -12.74
C GLU C 235 -18.73 18.13 -11.46
N GLU C 236 -18.64 16.89 -11.04
CA GLU C 236 -17.86 16.55 -9.84
C GLU C 236 -16.43 17.07 -10.04
N ASP C 237 -15.91 16.96 -11.25
CA ASP C 237 -14.55 17.36 -11.52
C ASP C 237 -14.36 18.90 -11.40
N LYS C 238 -15.28 19.65 -11.98
CA LYS C 238 -15.24 21.10 -11.85
C LYS C 238 -15.40 21.55 -10.40
N ILE C 239 -16.27 20.89 -9.67
CA ILE C 239 -16.48 21.27 -8.28
C ILE C 239 -15.23 20.96 -7.46
N CYS C 240 -14.80 19.68 -7.50
CA CYS C 240 -13.67 19.26 -6.73
C CYS C 240 -12.43 20.07 -7.12
N GLY C 241 -12.27 20.31 -8.43
CA GLY C 241 -11.20 21.18 -8.94
C GLY C 241 -11.26 22.60 -8.43
N TYR C 242 -12.40 23.25 -8.55
CA TYR C 242 -12.53 24.64 -8.10
C TYR C 242 -12.17 24.71 -6.61
N VAL C 243 -12.66 23.76 -5.84
CA VAL C 243 -12.53 23.93 -4.39
C VAL C 243 -11.08 23.78 -3.96
N ALA C 244 -10.44 22.74 -4.47
CA ALA C 244 -9.01 22.56 -4.21
C ALA C 244 -8.14 23.74 -4.68
N GLY C 245 -8.48 24.28 -5.84
CA GLY C 245 -7.77 25.42 -6.37
C GLY C 245 -7.72 26.58 -5.39
N GLY C 246 -8.69 26.69 -4.53
CA GLY C 246 -8.68 27.76 -3.56
C GLY C 246 -7.50 27.70 -2.57
N LEU C 247 -6.99 26.50 -2.35
CA LEU C 247 -5.82 26.38 -1.51
C LEU C 247 -4.72 27.32 -2.02
N MET C 248 -4.42 27.21 -3.30
CA MET C 248 -3.47 28.14 -3.83
C MET C 248 -4.12 29.53 -4.08
N TYR C 249 -5.23 29.59 -4.80
CA TYR C 249 -5.63 30.88 -5.35
C TYR C 249 -6.40 31.73 -4.38
N ALA C 250 -6.76 31.25 -3.19
CA ALA C 250 -7.47 32.11 -2.23
C ALA C 250 -6.67 32.39 -0.97
N ALA C 251 -5.41 31.99 -0.97
CA ALA C 251 -4.43 32.29 0.09
C ALA C 251 -4.33 33.77 0.53
N PRO C 252 -4.54 34.72 -0.40
CA PRO C 252 -4.61 36.13 0.06
C PRO C 252 -5.78 36.45 1.04
N LYS C 253 -6.74 35.56 1.19
CA LYS C 253 -7.87 35.82 2.07
C LYS C 253 -7.96 34.87 3.25
N ARG C 254 -7.09 33.89 3.27
CA ARG C 254 -6.80 33.07 4.45
C ARG C 254 -5.55 33.80 4.97
N LYS C 255 -5.17 33.80 6.26
CA LYS C 255 -5.96 33.99 7.49
C LYS C 255 -5.76 32.94 8.59
N SER C 256 -4.98 33.30 9.60
CA SER C 256 -4.87 32.56 10.89
C SER C 256 -3.90 33.28 11.78
O1D BPH D . 9.94 9.01 -4.30
CGD BPH D . 9.74 8.03 -3.56
O2D BPH D . 9.50 6.73 -4.09
CED BPH D . 9.52 6.64 -5.51
CBD BPH D . 9.75 8.14 -2.08
CHA BPH D . 10.30 6.93 -1.48
C4D BPH D . 9.31 6.38 -0.56
C3D BPH D . 8.18 7.11 -0.55
CAD BPH D . 8.37 8.24 -1.49
OBD BPH D . 7.52 9.23 -1.71
C2D BPH D . 7.29 6.49 0.42
CMD BPH D . 5.95 7.06 0.65
C1D BPH D . 8.06 5.31 0.88
ND BPH D . 9.27 5.25 0.27
CHD BPH D . 7.62 4.32 1.86
C4C BPH D . 8.47 3.23 2.24
C3C BPH D . 7.96 2.19 3.18
CAC BPH D . 7.06 2.69 4.30
CBC BPH D . 7.54 3.91 5.04
C2C BPH D . 9.25 1.50 3.60
CMC BPH D . 9.09 -0.02 3.77
C1C BPH D . 10.21 1.96 2.52
NC BPH D . 9.71 3.02 1.85
CHC BPH D . 11.36 1.32 2.36
C4B BPH D . 12.44 1.61 1.40
C3B BPH D . 13.67 0.83 1.25
CAB BPH D . 14.13 -0.42 1.93
CBB BPH D . 13.00 -1.21 2.40
OBB BPH D . 15.33 -0.84 2.05
C2B BPH D . 14.39 1.50 0.20
CMB BPH D . 15.73 1.09 -0.32
C1B BPH D . 13.50 2.64 -0.13
NB BPH D . 12.37 2.65 0.54
CHB BPH D . 13.80 3.65 -1.19
C4A BPH D . 13.11 4.73 -1.62
C3A BPH D . 13.59 5.61 -2.74
CMA BPH D . 13.36 4.90 -4.05
C2A BPH D . 12.72 6.83 -2.61
C1A BPH D . 11.64 6.34 -1.71
NA BPH D . 11.97 5.25 -1.15
CAA BPH D . 13.53 7.95 -2.00
CBA BPH D . 14.44 8.55 -3.04
CGA BPH D . 15.22 9.69 -2.46
O1A BPH D . 15.17 10.03 -1.26
O2A BPH D . 16.06 10.44 -3.39
C1 BPH D . 16.99 11.37 -2.87
C2 BPH D . 18.27 10.64 -2.58
C3 BPH D . 19.01 10.22 -3.58
C4 BPH D . 18.63 10.40 -5.02
C5 BPH D . 20.26 9.47 -3.25
C6 BPH D . 20.97 10.04 -2.04
C7 BPH D . 22.31 9.37 -2.02
C8 BPH D . 22.97 9.45 -0.66
C9 BPH D . 23.38 10.89 -0.39
C10 BPH D . 24.17 8.51 -0.71
C11 BPH D . 23.74 7.06 -0.44
C12 BPH D . 23.63 6.82 1.06
C13 BPH D . 22.89 5.55 1.40
C14 BPH D . 22.66 5.57 2.92
C15 BPH D . 23.68 4.32 0.98
C16 BPH D . 23.11 3.02 1.56
C17 BPH D . 23.59 1.84 0.72
C18 BPH D . 23.42 0.39 1.28
C19 BPH D . 23.25 -0.63 0.17
C20 BPH D . 22.33 0.08 2.29
C1 U10 E . -9.89 -5.10 -0.90
C1 U10 E . -7.24 -7.43 4.46
C2 U10 E . -10.00 -3.98 -1.91
C2 U10 E . -7.64 -7.10 3.04
C3 U10 E . -11.21 -3.15 -2.05
C3 U10 E . -8.97 -6.51 2.71
C4 U10 E . -12.32 -3.45 -1.16
C4 U10 E . -9.91 -6.27 3.84
C5 U10 E . -12.25 -4.59 -0.17
C5 U10 E . -9.55 -6.58 5.27
C6 U10 E . -11.03 -5.38 0.00
C6 U10 E . -8.18 -7.15 5.61
C1M U10 E . -8.68 -5.96 -0.76
C1M U10 E . -5.89 -8.00 4.73
C3M U10 E . -11.14 -2.22 -4.37
C3M U10 E . -10.46 -5.49 0.98
C4M U10 E . -14.34 -3.08 -2.31
C4M U10 E . -11.83 -6.36 2.47
C7 U10 E . -11.10 -6.50 1.00
C7 U10 E . -7.75 -7.52 7.05
C8 U10 E . -10.21 -6.55 2.20
C8 U10 E . -7.47 -6.37 8.06
C9 U10 E . -10.59 -6.97 3.44
C9 U10 E . -6.73 -6.64 9.16
C10 U10 E . -12.00 -7.35 3.81
C10 U10 E . -6.20 -8.02 9.37
C11 U10 E . -9.55 -7.05 4.55
C11 U10 E . -6.37 -5.65 10.25
C12 U10 E . -8.69 -8.35 4.50
C12 U10 E . -5.73 -6.45 11.41
C13 U10 E . -7.61 -8.29 5.57
C13 U10 E . -4.20 -6.53 11.36
C14 U10 E . -7.14 -9.30 6.35
C14 U10 E . -3.45 -7.14 12.30
C15 U10 E . -7.55 -10.75 6.29
C15 U10 E . -1.95 -7.18 12.24
C16 U10 E . -6.09 -8.89 7.36
C16 U10 E . -4.09 -7.77 13.50
O2 U10 E . -9.09 -3.68 -2.69
O2 U10 E . -6.84 -7.31 2.09
O3 U10 E . -11.35 -2.12 -2.95
O3 U10 E . -9.29 -6.22 1.37
O4 U10 E . -13.42 -2.68 -1.30
O4 U10 E . -11.14 -5.76 3.56
O5 U10 E . -13.18 -4.86 0.61
O5 U10 E . -10.39 -6.34 6.16
MG BCL F . 14.54 -8.74 11.12
CHA BCL F . 14.97 -5.38 11.00
CHB BCL F . 11.77 -8.46 9.28
CHC BCL F . 14.49 -12.14 10.79
CHD BCL F . 17.66 -9.10 12.67
NA BCL F . 13.41 -7.22 10.49
C1A BCL F . 13.74 -5.96 10.43
C2A BCL F . 12.81 -5.07 9.64
C3A BCL F . 11.70 -6.06 9.45
C4A BCL F . 12.32 -7.36 9.77
CMA BCL F . 10.64 -5.86 10.48
CAA BCL F . 13.34 -4.56 8.30
CBA BCL F . 12.36 -3.58 7.63
CGA BCL F . 12.68 -2.14 7.97
O1A BCL F . 13.06 -1.84 9.09
O2A BCL F . 12.54 -1.09 6.99
NB BCL F . 13.32 -10.10 10.18
C1B BCL F . 12.24 -9.83 9.45
C2B BCL F . 11.54 -10.99 8.86
C3B BCL F . 12.40 -12.09 9.34
C4B BCL F . 13.41 -11.43 10.15
CMB BCL F . 10.27 -11.07 8.02
CAB BCL F . 12.24 -13.58 9.09
OBB BCL F . 12.78 -14.40 9.76
CBB BCL F . 11.42 -14.06 7.94
NC BCL F . 15.69 -10.28 11.72
C1C BCL F . 15.48 -11.58 11.47
C2C BCL F . 16.54 -12.48 12.01
C3C BCL F . 17.61 -11.51 12.40
C4C BCL F . 16.89 -10.24 12.25
CMC BCL F . 15.94 -13.22 13.18
CAC BCL F . 18.79 -11.48 11.43
CBC BCL F . 19.72 -12.65 11.64
ND BCL F . 16.04 -7.58 11.73
C1D BCL F . 17.21 -7.78 12.32
C2D BCL F . 17.94 -6.55 12.54
C3D BCL F . 17.04 -5.54 12.00
C4D BCL F . 15.98 -6.24 11.54
CMD BCL F . 19.23 -6.28 13.16
CAD BCL F . 16.77 -4.13 11.76
OBD BCL F . 17.61 -3.21 12.02
CBD BCL F . 15.50 -4.00 11.03
CGD BCL F . 14.67 -2.91 11.57
O1D BCL F . 13.63 -3.05 12.19
O2D BCL F . 15.17 -1.61 11.27
CED BCL F . 14.54 -0.49 11.91
C1 BCL F . 12.72 0.31 7.38
C2 BCL F . 13.23 0.97 6.16
C3 BCL F . 14.43 1.54 5.95
C4 BCL F . 15.43 1.66 7.01
C5 BCL F . 14.73 2.12 4.59
C6 BCL F . 14.81 3.66 4.61
C7 BCL F . 15.23 4.19 3.24
C8 BCL F . 15.60 5.65 3.07
C9 BCL F . 14.56 6.53 3.72
C10 BCL F . 15.69 5.99 1.57
C11 BCL F . 16.70 5.15 0.72
C12 BCL F . 17.03 5.90 -0.56
C13 BCL F . 17.97 5.23 -1.53
C14 BCL F . 19.40 5.44 -1.03
C15 BCL F . 17.76 5.83 -2.92
C16 BCL F . 18.79 5.28 -3.93
C17 BCL F . 18.79 5.95 -5.32
C18 BCL F . 17.74 5.45 -6.31
C19 BCL F . 16.80 6.60 -6.60
C20 BCL F . 16.91 4.20 -5.92
P PO4 G . 42.57 3.83 15.30
O1 PO4 G . 42.19 2.83 16.36
O2 PO4 G . 41.31 4.51 14.77
O3 PO4 G . 43.48 4.90 15.91
O4 PO4 G . 43.25 3.02 14.19
C1 HTO H . 28.27 14.38 13.95
O1 HTO H . 29.73 14.33 14.09
C2 HTO H . 27.79 13.77 12.62
O2 HTO H . 28.97 13.13 12.15
C3 HTO H . 26.55 12.80 12.63
O3 HTO H . 26.76 11.55 11.92
C4 HTO H . 25.23 13.41 12.09
C5 HTO H . 24.22 12.43 11.41
C6 HTO H . 22.73 12.87 11.48
C7 HTO H . 22.40 14.13 10.69
C1 GOL I . -10.11 -5.71 -21.43
O1 GOL I . -9.89 -6.85 -22.30
C2 GOL I . -11.28 -6.11 -20.56
O2 GOL I . -11.59 -5.05 -19.62
C3 GOL I . -10.89 -7.48 -19.94
O3 GOL I . -11.70 -8.61 -20.37
C1 GOL J . 36.86 14.46 9.76
O1 GOL J . 38.03 14.89 10.47
C2 GOL J . 35.66 14.29 10.72
O2 GOL J . 35.72 15.26 11.79
C3 GOL J . 34.40 14.37 9.85
O3 GOL J . 33.26 14.86 10.56
MG BCL K . 18.77 -3.14 2.66
CHA BCL K . 18.37 -5.80 0.62
CHB BCL K . 19.10 -1.05 0.05
CHC BCL K . 18.74 -0.53 4.89
CHD BCL K . 18.21 -5.22 5.45
NA BCL K . 18.84 -3.38 0.68
C1A BCL K . 18.62 -4.46 -0.02
C2A BCL K . 18.69 -4.28 -1.52
C3A BCL K . 19.33 -2.92 -1.56
C4A BCL K . 19.10 -2.38 -0.18
CMA BCL K . 20.82 -2.92 -1.79
CAA BCL K . 17.30 -4.20 -2.15
CBA BCL K . 16.35 -3.33 -1.32
CGA BCL K . 14.97 -3.18 -1.89
O1A BCL K . 14.64 -3.64 -2.95
O2A BCL K . 13.98 -2.47 -1.12
NB BCL K . 18.92 -1.09 2.53
C1B BCL K . 19.00 -0.39 1.39
C2B BCL K . 19.13 1.07 1.59
C3B BCL K . 19.01 1.20 3.02
C4B BCL K . 18.89 -0.17 3.49
CMB BCL K . 19.27 2.18 0.60
CAB BCL K . 18.95 2.48 3.74
OBB BCL K . 19.25 3.53 3.18
CBB BCL K . 18.30 2.52 5.07
NC BCL K . 18.67 -2.90 4.67
C1C BCL K . 18.70 -1.75 5.34
C2C BCL K . 18.59 -1.88 6.81
C3C BCL K . 18.11 -3.26 6.97
C4C BCL K . 18.38 -3.78 5.59
CMC BCL K . 19.95 -1.80 7.42
CAC BCL K . 16.62 -3.24 7.32
CBC BCL K . 15.69 -2.60 6.31
ND BCL K . 18.35 -5.04 3.08
C1D BCL K . 18.21 -5.79 4.16
C2D BCL K . 18.08 -7.22 3.89
C3D BCL K . 18.13 -7.22 2.44
C4D BCL K . 18.33 -5.92 2.05
CMD BCL K . 17.88 -8.41 4.75
CAD BCL K . 18.08 -8.04 1.24
OBD BCL K . 17.96 -9.31 1.32
CBD BCL K . 18.21 -7.17 0.03
CGD BCL K . 19.41 -7.57 -0.66
O1D BCL K . 19.33 -8.12 -1.70
O2D BCL K . 20.68 -7.34 -0.08
CED BCL K . 21.83 -7.44 -0.94
C1 BCL K . 12.64 -2.19 -1.50
C2 BCL K . 12.77 -0.88 -2.20
C3 BCL K . 12.48 -0.75 -3.49
C4 BCL K . 11.96 -1.90 -4.36
C5 BCL K . 12.79 0.61 -4.07
C6 BCL K . 14.13 0.48 -4.86
C7 BCL K . 15.40 0.85 -4.07
C8 BCL K . 16.73 0.48 -4.77
C9 BCL K . 16.78 -0.97 -5.24
C10 BCL K . 17.89 0.73 -3.81
C11 BCL K . 19.24 0.87 -4.48
C12 BCL K . 20.19 1.45 -3.43
C13 BCL K . 21.63 1.47 -3.91
C14 BCL K . 22.17 0.07 -4.22
C15 BCL K . 22.45 2.14 -2.83
C16 BCL K . 23.40 3.14 -3.49
C17 BCL K . 22.72 4.44 -3.90
C18 BCL K . 23.65 5.32 -4.71
C19 BCL K . 24.57 6.09 -3.77
C20 BCL K . 22.91 6.28 -5.65
C1 GOL L . 23.32 -7.79 -6.42
O1 GOL L . 23.50 -9.14 -6.90
C2 GOL L . 23.84 -6.79 -7.45
O2 GOL L . 23.49 -7.32 -8.74
C3 GOL L . 23.30 -5.37 -7.23
O3 GOL L . 21.95 -5.28 -6.71
P PO4 M . 27.37 17.55 4.33
O1 PO4 M . 26.70 16.22 4.55
O2 PO4 M . 28.45 17.38 3.30
O3 PO4 M . 26.35 18.55 3.80
O4 PO4 M . 28.00 18.03 5.62
C1 GOL N . 35.91 5.51 4.31
O1 GOL N . 35.64 5.66 5.70
C2 GOL N . 36.80 4.30 3.99
O2 GOL N . 38.18 4.60 4.33
C3 GOL N . 36.32 2.98 4.64
O3 GOL N . 35.17 3.14 5.48
C1 GOL O . 26.99 0.59 -4.61
O1 GOL O . 26.92 1.39 -5.82
C2 GOL O . 27.68 1.31 -3.44
O2 GOL O . 27.16 2.65 -3.39
C3 GOL O . 27.43 0.76 -2.04
O3 GOL O . 27.43 1.81 -1.03
C1 GOL P . -1.30 20.81 -24.32
O1 GOL P . -2.18 20.38 -23.25
C2 GOL P . -1.39 22.32 -24.60
O2 GOL P . -1.53 22.61 -25.98
C3 GOL P . -2.58 23.02 -23.94
O3 GOL P . -2.68 24.37 -24.41
MG BCL Q . 4.88 -17.30 10.50
CHA BCL Q . 4.97 -14.68 12.53
CHB BCL Q . 1.60 -17.73 11.20
CHC BCL Q . 4.80 -19.57 7.96
CHD BCL Q . 8.35 -16.91 9.80
NA BCL Q . 3.52 -16.38 11.66
C1A BCL Q . 3.68 -15.31 12.33
C2A BCL Q . 2.41 -14.76 12.98
C3A BCL Q . 1.56 -15.99 12.96
C4A BCL Q . 2.25 -16.78 11.86
CMA BCL Q . 1.59 -16.71 14.27
CAA BCL Q . 1.71 -13.60 12.23
CBA BCL Q . 1.39 -13.97 10.77
CGA BCL Q . 0.69 -12.89 9.98
O1A BCL Q . 0.83 -11.75 10.29
O2A BCL Q . -0.11 -13.20 8.79
NB BCL Q . 3.45 -18.50 9.69
C1B BCL Q . 2.15 -18.56 10.10
C2B BCL Q . 1.31 -19.49 9.34
C3B BCL Q . 2.26 -20.02 8.36
C4B BCL Q . 3.54 -19.34 8.66
CMB BCL Q . -0.15 -19.81 9.50
CAB BCL Q . 1.93 -21.01 7.31
OBB BCL Q . 0.86 -21.57 7.27
CBB BCL Q . 2.94 -21.27 6.27
NC BCL Q . 6.24 -18.19 9.31
C1C BCL Q . 5.97 -19.10 8.36
C2C BCL Q . 7.20 -19.62 7.66
C3C BCL Q . 8.29 -18.74 8.20
C4C BCL Q . 7.53 -17.92 9.16
CMC BCL Q . 7.51 -21.06 8.10
CAC BCL Q . 9.07 -18.01 7.15
CBC BCL Q . 8.17 -17.07 6.39
ND BCL Q . 6.39 -16.03 10.94
C1D BCL Q . 7.70 -15.99 10.73
C2D BCL Q . 8.36 -14.93 11.49
C3D BCL Q . 7.22 -14.38 12.21
C4D BCL Q . 6.15 -15.12 11.87
CMD BCL Q . 9.74 -14.42 11.62
CAD BCL Q . 6.80 -13.37 13.22
OBD BCL Q . 7.57 -12.50 13.80
CBD BCL Q . 5.32 -13.52 13.38
CGD BCL Q . 5.05 -13.73 14.78
O1D BCL Q . 4.58 -12.84 15.40
O2D BCL Q . 5.31 -14.98 15.41
CED BCL Q . 4.95 -14.96 16.81
C1 BCL Q . -0.92 -12.29 8.07
C2 BCL Q . -2.29 -11.84 8.61
C3 BCL Q . -3.44 -12.57 8.75
C4 BCL Q . -4.74 -11.93 9.21
C5 BCL Q . -3.47 -14.05 8.54
C6 BCL Q . -3.94 -14.77 9.85
C7 BCL Q . -2.94 -14.80 11.05
C8 BCL Q . -3.46 -15.45 12.33
C9 BCL Q . -3.64 -14.44 13.48
C10 BCL Q . -2.53 -16.58 12.79
C11 BCL Q . -2.90 -18.00 12.30
C12 BCL Q . -2.57 -19.10 13.33
C13 BCL Q . -3.43 -19.08 14.61
C14 BCL Q . -4.85 -18.49 14.44
C15 BCL Q . -2.72 -18.37 15.77
C16 BCL Q . -3.06 -18.98 17.13
C17 BCL Q . -3.17 -17.96 18.27
C18 BCL Q . -3.29 -18.67 19.61
C19 BCL Q . -1.95 -19.35 19.78
C20 BCL Q . -4.46 -19.67 19.80
MG BCL R . 13.78 -14.54 5.86
CHA BCL R . 11.42 -16.42 4.24
CHB BCL R . 12.13 -11.78 5.01
CHC BCL R . 16.08 -12.83 7.73
CHD BCL R . 14.98 -17.42 7.40
NA BCL R . 12.20 -14.13 4.67
C1A BCL R . 11.40 -14.96 4.04
C2A BCL R . 10.30 -14.32 3.25
C3A BCL R . 10.45 -12.88 3.65
C4A BCL R . 11.67 -12.91 4.52
CMA BCL R . 10.61 -12.03 2.38
CAA BCL R . 8.85 -14.77 3.52
CBA BCL R . 7.83 -14.06 2.64
CGA BCL R . 6.46 -14.17 3.22
O1A BCL R . 5.55 -13.44 2.84
O2A BCL R . 6.24 -15.21 4.19
NB BCL R . 14.08 -12.60 6.29
C1B BCL R . 13.30 -11.60 5.86
C2B BCL R . 13.71 -10.25 6.33
C3B BCL R . 14.92 -10.55 7.10
C4B BCL R . 15.05 -12.02 7.05
CMB BCL R . 13.11 -8.93 6.02
CAB BCL R . 15.72 -9.52 7.81
OBB BCL R . 15.43 -8.30 7.91
CBB BCL R . 16.91 -10.04 8.45
NC BCL R . 15.32 -15.02 7.08
C1C BCL R . 16.16 -14.16 7.68
C2C BCL R . 17.31 -14.86 8.39
C3C BCL R . 16.72 -16.21 8.60
C4C BCL R . 15.61 -16.15 7.62
CMC BCL R . 18.52 -14.98 7.49
CAC BCL R . 16.09 -16.38 9.97
CBC BCL R . 17.13 -16.30 11.08
ND BCL R . 13.34 -16.52 5.94
C1D BCL R . 13.86 -17.58 6.51
C2D BCL R . 13.22 -18.86 6.12
C3D BCL R . 12.21 -18.37 5.20
C4D BCL R . 12.38 -17.02 5.12
CMD BCL R . 13.36 -20.32 6.46
CAD BCL R . 11.09 -18.71 4.32
OBD BCL R . 10.75 -19.93 4.18
CBD BCL R . 10.59 -17.47 3.63
CGD BCL R . 11.09 -17.53 2.25
O1D BCL R . 10.43 -17.44 1.20
O2D BCL R . 12.53 -17.74 2.14
CED BCL R . 13.13 -17.77 0.82
C1 BCL R . 4.91 -15.41 4.67
C2 BCL R . 3.87 -16.00 3.71
C3 BCL R . 3.52 -17.31 3.76
C4 BCL R . 4.21 -18.25 4.68
C5 BCL R . 2.48 -17.94 2.89
C6 BCL R . 1.32 -18.52 3.72
C7 BCL R . 0.17 -18.97 2.78
C8 BCL R . -0.79 -20.03 3.35
C9 BCL R . -1.73 -20.60 2.29
C10 BCL R . -1.61 -19.42 4.46
C11 BCL R . -2.38 -20.44 5.29
C12 BCL R . -2.96 -19.79 6.55
C13 BCL R . -3.74 -20.74 7.44
C14 BCL R . -4.87 -21.31 6.61
C15 BCL R . -4.23 -20.05 8.72
C16 BCL R . -5.58 -19.35 8.58
C17 BCL R . -5.94 -18.40 9.73
C18 BCL R . -6.89 -17.27 9.25
C19 BCL R . -7.07 -16.14 10.27
C20 BCL R . -8.25 -17.78 8.76
N1 LDA S . 19.98 -9.91 -5.15
O1 LDA S . 20.68 -9.50 -6.09
CM1 LDA S . 19.17 -11.08 -5.56
CM2 LDA S . 20.92 -10.45 -4.13
C1 LDA S . 19.17 -8.74 -4.60
C2 LDA S . 18.07 -8.03 -5.43
C3 LDA S . 18.32 -6.56 -5.81
C4 LDA S . 17.09 -5.64 -5.85
C5 LDA S . 16.20 -5.70 -7.11
C6 LDA S . 14.86 -4.92 -6.96
C7 LDA S . 13.79 -5.18 -8.07
C8 LDA S . 12.36 -4.57 -7.91
C9 LDA S . 11.43 -4.82 -9.17
C10 LDA S . 9.93 -4.36 -9.17
C11 LDA S . 8.93 -5.30 -9.93
C12 LDA S . 7.44 -5.20 -9.58
N1 LDA T . -13.87 11.14 15.25
O1 LDA T . -14.53 11.54 14.26
CM1 LDA T . -13.01 12.30 15.64
CM2 LDA T . -14.83 10.85 16.35
C1 LDA T . -13.05 9.95 14.81
C2 LDA T . -12.92 8.78 15.79
C3 LDA T . -11.87 7.71 15.42
C4 LDA T . -12.35 6.25 15.64
C5 LDA T . -11.24 5.18 15.66
C6 LDA T . -11.69 3.70 15.50
C7 LDA T . -10.79 2.94 14.50
C8 LDA T . -10.85 1.40 14.57
C9 LDA T . -11.34 0.65 13.31
C10 LDA T . -10.73 -0.76 13.07
C11 LDA T . -9.51 -0.82 12.09
C12 LDA T . -9.44 -2.07 11.21
FE FE U . -5.99 1.28 -5.60
O1D BPH V . -9.04 -15.32 1.16
CGD BPH V . -7.88 -14.92 1.13
O2D BPH V . -7.65 -13.63 1.72
CED BPH V . -8.79 -12.88 2.17
CBD BPH V . -6.77 -15.74 0.54
CHA BPH V . -5.50 -15.68 1.34
C4D BPH V . -4.47 -14.97 0.54
C3D BPH V . -4.95 -14.63 -0.68
CAD BPH V . -6.35 -15.11 -0.72
OBD BPH V . -7.12 -14.96 -1.70
C2D BPH V . -3.84 -13.97 -1.38
CMD BPH V . -3.93 -13.43 -2.77
C1D BPH V . -2.75 -14.02 -0.37
ND BPH V . -3.13 -14.65 0.75
CHD BPH V . -1.41 -13.51 -0.59
C4C BPH V . -0.40 -13.56 0.44
C3C BPH V . 0.93 -12.88 0.28
CAC BPH V . 1.77 -13.33 -0.87
CBC BPH V . 1.11 -13.00 -2.16
C2C BPH V . 1.63 -13.37 1.50
CMC BPH V . 2.30 -12.19 2.19
C1C BPH V . 0.52 -14.00 2.29
NC BPH V . -0.60 -14.11 1.56
CHC BPH V . 0.74 -14.39 3.56
C4B BPH V . -0.21 -15.02 4.51
C3B BPH V . 0.12 -15.36 5.89
CAB BPH V . 1.43 -15.24 6.54
CBB BPH V . 2.14 -13.99 6.23
OBB BPH V . 1.89 -16.12 7.27
C2B BPH V . -1.04 -15.95 6.50
CMB BPH V . -1.14 -16.46 7.88
C1B BPH V . -1.99 -15.92 5.40
NB BPH V . -1.50 -15.34 4.27
CHB BPH V . -3.41 -16.33 5.58
C4A BPH V . -4.39 -16.23 4.66
C3A BPH V . -5.82 -16.60 4.95
CMA BPH V . -6.50 -15.39 5.64
C2A BPH V . -6.37 -16.86 3.57
C1A BPH V . -5.33 -16.14 2.74
NA BPH V . -4.30 -15.82 3.41
CAA BPH V . -6.55 -18.37 3.31
CBA BPH V . -7.73 -18.98 4.15
CGA BPH V . -7.78 -20.49 4.22
O1A BPH V . -7.09 -21.20 3.52
O2A BPH V . -8.75 -21.08 5.16
C1 BPH V . -8.71 -22.39 5.72
C2 BPH V . -8.91 -22.30 7.24
C3 BPH V . -10.14 -22.06 7.84
C4 BPH V . -11.31 -21.92 6.91
C5 BPH V . -10.37 -21.95 9.35
C6 BPH V . -9.15 -21.72 10.30
C7 BPH V . -9.44 -21.90 11.82
C8 BPH V . -9.51 -20.61 12.68
C9 BPH V . -8.12 -20.19 13.17
C10 BPH V . -10.48 -20.74 13.89
C11 BPH V . -11.13 -19.41 14.34
C12 BPH V . -12.62 -19.11 13.98
C13 BPH V . -13.36 -19.67 12.70
C14 BPH V . -12.76 -19.37 11.31
C15 BPH V . -14.83 -19.17 12.69
C16 BPH V . -15.92 -20.24 12.46
C17 BPH V . -17.01 -20.30 13.57
C18 BPH V . -18.03 -21.44 13.40
C19 BPH V . -19.14 -21.01 12.46
C20 BPH V . -18.60 -22.00 14.74
C1 U10 W . 1.52 5.52 -7.61
C2 U10 W . 0.03 5.76 -7.62
C3 U10 W . -0.58 6.38 -8.81
C4 U10 W . 0.23 6.75 -9.98
C5 U10 W . 1.72 6.50 -9.96
C6 U10 W . 2.33 5.89 -8.77
C1M U10 W . 2.16 4.90 -6.39
C3M U10 W . -2.86 5.59 -8.82
C4M U10 W . -1.62 6.96 -11.65
C7 U10 W . 3.81 5.65 -8.77
C8 U10 W . 4.17 4.19 -8.79
C9 U10 W . 4.74 3.60 -9.84
C10 U10 W . 5.06 4.29 -11.14
C11 U10 W . 5.08 2.15 -9.75
C12 U10 W . 6.56 1.93 -9.85
C13 U10 W . 7.16 2.35 -8.56
C14 U10 W . 7.84 1.53 -7.72
C15 U10 W . 8.07 0.08 -8.00
C16 U10 W . 8.45 2.15 -6.48
C17 U10 W . 9.95 2.28 -6.78
C18 U10 W . 10.39 3.49 -7.58
C19 U10 W . 11.60 3.52 -8.18
C20 U10 W . 12.54 2.36 -8.13
C21 U10 W . 12.07 4.72 -8.95
C22 U10 W . 13.20 5.43 -8.19
C23 U10 W . 13.70 6.59 -9.03
C24 U10 W . 13.96 7.83 -8.57
C25 U10 W . 13.75 8.17 -7.11
C26 U10 W . 14.44 8.88 -9.57
C27 U10 W . 15.86 9.33 -9.31
C28 U10 W . 16.37 10.02 -10.55
C29 U10 W . 17.11 11.17 -10.50
C30 U10 W . 17.54 11.70 -11.85
C31 U10 W . 17.48 11.85 -9.13
C32 U10 W . 18.33 13.18 -9.06
C33 U10 W . 17.70 14.52 -8.55
C34 U10 W . 16.42 14.96 -8.85
C35 U10 W . 15.49 14.15 -9.70
C36 U10 W . 15.84 16.30 -8.38
C37 U10 W . 15.61 17.20 -9.61
C38 U10 W . 16.77 18.16 -9.76
C39 U10 W . 17.55 18.36 -10.83
C40 U10 W . 17.35 17.61 -12.12
C41 U10 W . 18.65 19.43 -10.68
O2 U10 W . -0.71 5.47 -6.62
O3 U10 W . -1.92 6.64 -8.79
O4 U10 W . -0.39 7.38 -11.04
O5 U10 W . 2.47 6.81 -10.93
CM1 SPO X . -8.63 -23.75 23.37
O1 SPO X . -8.51 -25.09 22.85
C1 SPO X . -9.17 -25.47 21.63
C2 SPO X . -10.38 -24.58 21.42
C3 SPO X . -9.46 -26.97 21.86
C4 SPO X . -8.37 -25.26 20.35
C5 SPO X . -7.08 -24.48 20.62
C6 SPO X . -6.17 -24.68 19.70
C7 SPO X . -4.88 -24.00 19.62
C8 SPO X . -4.37 -23.19 20.78
C9 SPO X . -4.29 -24.06 18.39
C10 SPO X . -3.03 -23.42 18.00
C11 SPO X . -2.53 -23.61 16.77
C12 SPO X . -1.27 -23.00 16.24
C13 SPO X . -0.44 -22.07 17.06
C14 SPO X . -0.89 -23.25 14.97
C15 SPO X . 0.29 -22.69 14.34
C16 SPO X . 0.56 -23.04 13.07
C17 SPO X . 1.73 -22.56 12.26
C18 SPO X . 2.61 -21.43 12.75
C19 SPO X . 1.97 -23.12 11.04
C20 SPO X . 3.12 -22.67 10.23
C21 SPO X . 3.55 -23.23 9.11
C22 SPO X . 2.88 -24.35 8.51
C23 SPO X . 3.12 -24.82 7.28
C24 SPO X . 4.23 -24.34 6.42
C25 SPO X . 2.29 -25.94 6.86
C26 SPO X . 2.26 -26.49 5.64
C27 SPO X . 1.33 -27.62 5.44
C28 SPO X . 1.17 -28.26 4.27
C29 SPO X . 1.91 -27.86 3.04
C30 SPO X . 0.22 -29.44 4.19
C31 SPO X . 1.04 -30.72 3.90
C32 SPO X . 0.16 -31.95 4.08
C33 SPO X . 0.59 -33.17 4.45
C34 SPO X . 2.02 -33.51 4.73
C35 SPO X . -0.38 -34.29 4.61
C36 SPO X . -0.46 -35.17 3.36
C37 SPO X . -1.52 -36.19 3.70
C38 SPO X . -2.19 -36.97 2.83
C39 SPO X . -1.93 -36.93 1.33
C40 SPO X . -3.23 -37.91 3.42
C1 CDL Y . -9.05 -11.11 -17.92
O1 CDL Y . -9.15 -11.00 -19.34
CA2 CDL Y . -7.55 -11.13 -17.60
OA2 CDL Y . -7.06 -9.79 -17.47
PA1 CDL Y . -5.51 -9.48 -17.59
OA3 CDL Y . -5.14 -8.94 -16.25
OA4 CDL Y . -5.33 -8.56 -18.74
OA5 CDL Y . -4.75 -10.91 -17.81
CA3 CDL Y . -3.69 -11.13 -18.75
CA4 CDL Y . -2.36 -11.58 -18.09
OA6 CDL Y . -1.26 -10.71 -18.50
CA5 CDL Y . -0.19 -10.52 -17.48
OA7 CDL Y . -0.41 -9.79 -16.48
C11 CDL Y . 1.16 -11.24 -17.60
C12 CDL Y . 2.30 -10.49 -18.30
C13 CDL Y . 3.68 -10.51 -17.63
C14 CDL Y . 4.65 -11.59 -18.14
C15 CDL Y . 5.82 -11.11 -19.02
C16 CDL Y . 7.17 -11.86 -18.85
C17 CDL Y . 7.59 -12.81 -20.00
C18 CDL Y . 9.10 -13.17 -20.07
C19 CDL Y . 9.75 -12.93 -21.45
C20 CDL Y . 11.12 -12.23 -21.42
C21 CDL Y . 11.43 -11.26 -22.60
C22 CDL Y . 12.94 -11.16 -22.96
C23 CDL Y . 13.82 -10.23 -22.09
C24 CDL Y . 15.33 -10.37 -22.36
CA6 CDL Y . -2.07 -13.05 -18.44
OA8 CDL Y . -1.06 -13.60 -17.55
CA7 CDL Y . -0.34 -14.86 -17.83
OA9 CDL Y . -0.96 -15.63 -18.53
C31 CDL Y . 1.09 -15.21 -17.30
C32 CDL Y . 2.08 -15.66 -18.43
C33 CDL Y . 3.55 -15.97 -18.06
C34 CDL Y . 4.44 -16.21 -19.29
C36 CDL Y . 3.45 -16.41 -14.85
C37 CDL Y . 4.28 -17.13 -13.76
C38 CDL Y . 5.76 -16.66 -13.71
C39 CDL Y . 6.81 -17.72 -13.28
C40 CDL Y . 8.27 -17.19 -13.09
C41 CDL Y . 9.27 -17.80 -14.09
C42 CDL Y . 10.73 -17.87 -13.58
C43 CDL Y . 11.12 -19.29 -13.18
C44 CDL Y . 12.58 -19.40 -12.73
CB2 CDL Y . -9.83 -12.31 -17.31
OB2 CDL Y . -9.02 -13.51 -17.33
PB2 CDL Y . -8.43 -14.38 -16.07
OB3 CDL Y . -9.22 -13.97 -14.86
OB4 CDL Y . -8.44 -15.86 -16.39
OB5 CDL Y . -6.86 -13.95 -15.90
CB3 CDL Y . -5.76 -14.84 -16.20
CB4 CDL Y . -4.41 -14.45 -15.56
OB6 CDL Y . -3.71 -15.54 -14.88
CB5 CDL Y . -3.02 -16.66 -15.62
OB7 CDL Y . -3.06 -16.62 -16.84
C51 CDL Y . -2.27 -17.85 -14.95
C52 CDL Y . -2.99 -19.22 -15.13
C53 CDL Y . -2.21 -20.40 -15.79
C54 CDL Y . -3.00 -21.58 -16.46
C55 CDL Y . -2.34 -23.00 -16.33
C56 CDL Y . -1.09 -23.31 -17.21
C57 CDL Y . -0.08 -24.28 -16.58
C58 CDL Y . 1.23 -24.54 -17.38
CB6 CDL Y . -4.68 -13.30 -14.58
OB8 CDL Y . -3.73 -12.26 -14.83
CB7 CDL Y . -2.89 -11.65 -13.80
OB9 CDL Y . -2.38 -10.54 -14.11
C71 CDL Y . -2.68 -12.38 -12.46
C72 CDL Y . -1.20 -12.45 -12.04
C73 CDL Y . -0.83 -13.38 -10.88
C74 CDL Y . -0.12 -14.68 -11.33
C75 CDL Y . 0.48 -15.52 -10.16
C76 CDL Y . 1.11 -16.90 -10.53
C77 CDL Y . 1.30 -17.89 -9.35
C78 CDL Y . 2.14 -19.14 -9.74
C79 CDL Y . 2.45 -20.18 -8.64
C80 CDL Y . 3.22 -21.46 -9.09
C81 CDL Y . 4.77 -21.27 -8.96
C82 CDL Y . 5.70 -22.37 -9.55
C83 CDL Y . 7.10 -21.88 -9.94
C84 CDL Y . 7.38 -22.04 -11.44
O12 PC1 Z . -30.70 -15.01 8.26
P PC1 Z . -29.73 -15.88 7.50
O14 PC1 Z . -29.31 -15.36 6.15
O13 PC1 Z . -30.53 -17.25 7.11
C11 PC1 Z . -31.29 -17.46 5.90
C12 PC1 Z . -30.94 -18.84 5.30
N PC1 Z . -31.58 -19.17 4.01
C13 PC1 Z . -33.06 -19.21 4.18
C14 PC1 Z . -31.19 -18.20 2.96
C15 PC1 Z . -31.12 -20.52 3.60
O11 PC1 Z . -28.41 -16.24 8.45
C1 PC1 Z . -27.47 -15.29 9.10
C2 PC1 Z . -26.23 -15.82 9.92
O21 PC1 Z . -25.61 -14.72 10.68
C21 PC1 Z . -24.68 -13.72 10.11
O22 PC1 Z . -25.10 -12.98 9.23
C22 PC1 Z . -23.24 -13.49 10.58
C23 PC1 Z . -22.24 -13.23 9.41
C24 PC1 Z . -21.01 -12.35 9.75
C25 PC1 Z . -19.68 -12.89 9.18
C26 PC1 Z . -18.52 -11.94 9.54
C27 PC1 Z . -17.09 -12.50 9.42
C28 PC1 Z . -16.13 -11.33 9.07
C29 PC1 Z . -14.69 -11.34 9.63
C2A PC1 Z . -13.58 -11.73 8.63
C2B PC1 Z . -12.48 -10.65 8.46
C2C PC1 Z . -11.30 -11.08 7.56
C2D PC1 Z . -10.97 -12.61 7.60
C2E PC1 Z . -9.58 -12.99 7.07
C3 PC1 Z . -25.17 -16.63 9.11
O31 PC1 Z . -24.26 -17.41 9.94
C31 PC1 Z . -22.96 -18.02 9.55
O32 PC1 Z . -22.98 -18.78 8.59
C32 PC1 Z . -21.66 -17.75 10.30
C33 PC1 Z . -20.32 -18.16 9.60
C34 PC1 Z . -19.04 -17.36 10.00
C35 PC1 Z . -17.78 -17.67 9.14
C36 PC1 Z . -16.77 -16.52 8.91
C37 PC1 Z . -15.64 -16.92 7.91
C38 PC1 Z . -14.37 -16.05 7.88
C39 PC1 Z . -13.14 -16.83 7.33
C3A PC1 Z . -11.92 -16.00 6.83
C3B PC1 Z . -10.86 -16.93 6.19
P PO4 AA . -23.48 -26.30 -3.41
O1 PO4 AA . -24.02 -26.15 -4.83
O2 PO4 AA . -22.17 -25.51 -3.23
O3 PO4 AA . -24.51 -25.85 -2.39
O4 PO4 AA . -23.21 -27.79 -3.26
P PO4 BA . -15.77 10.56 4.31
O1 PO4 BA . -14.91 10.89 3.07
O2 PO4 BA . -15.19 9.37 5.02
O3 PO4 BA . -15.88 11.71 5.32
O4 PO4 BA . -17.16 10.11 3.96
N1 LDA CA . 18.12 -35.94 -1.09
O1 LDA CA . 19.26 -36.33 -1.41
CM1 LDA CA . 18.16 -35.72 0.38
CM2 LDA CA . 17.13 -37.01 -1.45
C1 LDA CA . 17.85 -34.67 -1.80
C2 LDA CA . 18.07 -34.70 -3.33
C3 LDA CA . 16.90 -34.13 -4.13
C4 LDA CA . 16.94 -34.57 -5.59
C5 LDA CA . 15.78 -34.01 -6.40
C6 LDA CA . 16.15 -32.77 -7.22
C7 LDA CA . 14.95 -31.82 -7.27
C8 LDA CA . 15.21 -30.47 -7.93
C9 LDA CA . 14.16 -29.44 -7.51
C10 LDA CA . 14.19 -28.27 -8.50
C11 LDA CA . 13.24 -27.10 -8.17
C12 LDA CA . 13.33 -25.91 -9.16
CA1 GGD DA . 12.15 9.94 -22.36
CA2 GGD DA . 12.17 11.44 -21.99
CA3 GGD DA . 13.60 12.01 -21.87
CA4 GGD DA . 14.68 10.92 -21.58
CA5 GGD DA . 14.56 9.57 -22.35
CA6 GGD DA . 14.64 8.25 -21.52
OA1 GGD DA . 11.98 9.16 -21.17
OA2 GGD DA . 11.31 12.11 -22.93
OA4 GGD DA . 14.75 10.68 -20.15
OA5 GGD DA . 13.32 9.54 -23.09
OA6 GGD DA . 15.92 7.63 -21.66
OB6 GGD DA . 14.04 17.27 -24.14
CB1 GGD DA . 14.03 14.39 -20.86
CB2 GGD DA . 15.37 14.47 -20.12
CB3 GGD DA . 15.76 15.94 -19.89
CB4 GGD DA . 15.69 16.77 -21.20
CB5 GGD DA . 14.26 16.63 -21.75
CB6 GGD DA . 13.85 17.70 -22.80
OB1 GGD DA . 13.57 13.00 -20.83
OB2 GGD DA . 15.22 13.80 -18.85
OB3 GGD DA . 17.03 15.99 -19.24
OB4 GGD DA . 16.03 18.15 -20.98
OB5 GGD DA . 14.07 15.21 -22.10
CC3 GGD DA . 10.63 9.09 -20.75
CC4 GGD DA . 10.60 8.87 -19.23
OC6 GGD DA . 9.25 8.59 -18.81
CC5 GGD DA . 8.51 7.82 -19.79
OC7 GGD DA . 7.79 8.46 -20.51
CC6 GGD DA . 11.22 10.05 -18.44
OC8 GGD DA . 11.94 9.56 -17.30
CC7 GGD DA . 13.37 9.69 -17.10
OC9 GGD DA . 13.98 10.50 -17.81
C14 GGD DA . 8.59 6.32 -19.91
C15 GGD DA . 9.97 5.75 -19.62
C16 GGD DA . 10.28 5.61 -18.12
C17 GGD DA . 10.17 4.19 -17.57
C18 GGD DA . 11.19 3.81 -16.46
C19 GGD DA . 10.76 2.49 -15.79
C20 GGD DA . 11.59 2.06 -14.56
C21 GGD DA . 10.75 1.26 -13.52
C22 GGD DA . 11.52 0.78 -12.30
C23 GGD DA . 11.04 -0.22 -11.53
C24 GGD DA . 11.78 -0.72 -10.32
C31 GGD DA . 14.05 8.86 -16.03
C32 GGD DA . 13.08 8.01 -15.21
C33 GGD DA . 13.77 7.44 -13.96
C34 GGD DA . 14.07 5.95 -14.10
C35 GGD DA . 14.70 5.38 -12.80
C36 GGD DA . 15.79 4.29 -12.97
C37 GGD DA . 16.96 4.42 -11.96
C38 GGD DA . 17.32 3.17 -11.15
C39 GGD DA . 16.59 2.69 -10.12
C40 GGD DA . 17.05 1.46 -9.35
C41 GGD DA . 16.00 0.35 -9.24
C42 GGD DA . 16.55 -1.02 -9.70
C43 GGD DA . 15.52 -1.96 -10.36
C44 GGD DA . 16.11 -2.83 -11.48
C1 GOL EA . 16.34 -5.07 -14.20
O1 GOL EA . 15.51 -5.22 -13.04
C2 GOL EA . 16.92 -6.42 -14.66
O2 GOL EA . 15.86 -7.31 -15.09
C3 GOL EA . 17.93 -6.25 -15.78
O3 GOL EA . 18.28 -7.52 -16.34
C1 GOL FA . 20.73 -6.60 -12.45
O1 GOL FA . 20.58 -5.86 -11.24
C2 GOL FA . 21.77 -7.64 -12.11
O2 GOL FA . 21.12 -8.57 -11.24
C3 GOL FA . 22.25 -8.35 -13.35
O3 GOL FA . 22.45 -9.70 -12.95
P PO4 GA . -33.23 9.70 3.14
O1 PO4 GA . -32.96 9.59 1.67
O2 PO4 GA . -32.67 11.04 3.73
O3 PO4 GA . -34.73 9.51 3.32
O4 PO4 GA . -32.57 8.51 3.68
C1 GOL HA . -33.52 7.14 -9.83
O1 GOL HA . -33.92 5.79 -9.60
C2 GOL HA . -32.39 7.14 -10.87
O2 GOL HA . -31.33 6.26 -10.46
C3 GOL HA . -32.86 6.66 -12.26
O3 GOL HA . -31.70 6.50 -13.11
C1 GOL IA . -16.77 13.59 -3.18
O1 GOL IA . -16.33 12.45 -2.43
C2 GOL IA . -15.88 13.94 -4.37
O2 GOL IA . -14.56 14.41 -3.94
C3 GOL IA . -15.84 12.74 -5.32
O3 GOL IA . -15.73 11.49 -4.60
C1 GOL JA . -36.73 9.00 5.07
O1 GOL JA . -37.35 9.19 3.79
C2 GOL JA . -35.98 7.66 5.00
O2 GOL JA . -35.63 7.43 3.61
C3 GOL JA . -34.77 7.63 5.92
O3 GOL JA . -35.16 8.23 7.15
#